data_1FC4
#
_entry.id   1FC4
#
_cell.length_a   63.936
_cell.length_b   98.659
_cell.length_c   118.699
_cell.angle_alpha   90.00
_cell.angle_beta   90.00
_cell.angle_gamma   90.00
#
_symmetry.space_group_name_H-M   'P 21 21 21'
#
loop_
_entity.id
_entity.type
_entity.pdbx_description
1 polymer '2-AMINO-3-KETOBUTYRATE CONENZYME A LIGASE'
2 non-polymer '2-AMINO-3-KETOBUTYRIC ACID'
3 non-polymer "PYRIDOXAL-5'-PHOSPHATE"
4 water water
#
_entity_poly.entity_id   1
_entity_poly.type   'polypeptide(L)'
_entity_poly.pdbx_seq_one_letter_code
;GSH(MSE)RGEFYQQLTNDLETARAEGLFKEERIITSAQQADITVADGSHVINFCANNYLGLANHPDLIAAAKAG(MSE)
DSHGFG(MSE)ASVRFICGTQDSHKELEQKLAAFLG(MSE)EDAILYSSCFDANGGLFETLLGAEDAIISDALNHASIID
GVRLCKAKRYRYANND(MSE)QELEARLKEAREAGARHVLIATDGVFS(MSE)DGVIANLKGVCDLADKYDALV(MSE)V
DDSHAVGFVGENGRGSHEYCDV(MSE)GRVDIITGTLGKALGGASGGYTAARKEVVEWLRQRSRPYLFSNSLAPAIVAAS
IKVLE(MSE)VEAGSELRDRLWANARQFREQ(MSE)SAAGFTLAGADHAIIPV(MSE)LGDAVVAQKFARELQKEGIYVT
GFFYPVVPKGQARIRTQ(MSE)SAAHTPEQITRAVEAFTRIGKQLGVIA
;
_entity_poly.pdbx_strand_id   A,B
#
loop_
_chem_comp.id
_chem_comp.type
_chem_comp.name
_chem_comp.formula
AKB non-polymer '2-AMINO-3-KETOBUTYRIC ACID' 'C4 H7 N O3'
PLP non-polymer PYRIDOXAL-5'-PHOSPHATE 'C8 H10 N O6 P'
#
# COMPACT_ATOMS: atom_id res chain seq x y z
N GLY A 1 -13.76 27.02 -20.60
CA GLY A 1 -14.40 27.56 -19.36
C GLY A 1 -13.94 26.81 -18.12
N SER A 2 -14.15 27.43 -16.96
CA SER A 2 -13.76 26.82 -15.69
C SER A 2 -14.93 26.80 -14.71
N HIS A 3 -16.14 26.89 -15.24
CA HIS A 3 -17.36 26.88 -14.43
C HIS A 3 -17.50 25.59 -13.61
N MSE A 4 -17.33 24.45 -14.27
CA MSE A 4 -17.47 23.17 -13.59
C MSE A 4 -16.32 22.89 -12.61
O MSE A 4 -16.54 22.38 -11.52
CB MSE A 4 -17.58 22.04 -14.62
CG MSE A 4 -18.36 20.81 -14.15
SE MSE A 4 -20.08 21.15 -13.65
CE MSE A 4 -20.47 22.60 -14.62
N ARG A 5 -15.09 23.24 -13.00
CA ARG A 5 -13.96 23.05 -12.12
C ARG A 5 -14.08 23.98 -10.91
N GLY A 6 -14.63 25.17 -11.13
CA GLY A 6 -14.80 26.11 -10.03
C GLY A 6 -15.77 25.51 -9.02
N GLU A 7 -16.81 24.85 -9.53
CA GLU A 7 -17.83 24.21 -8.69
C GLU A 7 -17.23 23.05 -7.90
N PHE A 8 -16.40 22.26 -8.57
CA PHE A 8 -15.73 21.12 -7.97
C PHE A 8 -15.01 21.58 -6.70
N TYR A 9 -14.19 22.62 -6.84
CA TYR A 9 -13.44 23.15 -5.71
C TYR A 9 -14.30 23.83 -4.65
N GLN A 10 -15.35 24.53 -5.07
CA GLN A 10 -16.23 25.20 -4.12
C GLN A 10 -17.01 24.21 -3.25
N GLN A 11 -17.50 23.13 -3.86
CA GLN A 11 -18.26 22.12 -3.12
C GLN A 11 -17.38 21.39 -2.11
N LEU A 12 -16.10 21.25 -2.42
CA LEU A 12 -15.18 20.60 -1.51
C LEU A 12 -15.05 21.47 -0.27
N THR A 13 -14.87 22.76 -0.50
CA THR A 13 -14.74 23.72 0.58
C THR A 13 -16.01 23.73 1.41
N ASN A 14 -17.15 23.68 0.75
CA ASN A 14 -18.44 23.68 1.43
C ASN A 14 -18.62 22.41 2.24
N ASP A 15 -18.35 21.27 1.62
CA ASP A 15 -18.49 19.98 2.29
C ASP A 15 -17.57 19.82 3.50
N LEU A 16 -16.42 20.47 3.47
CA LEU A 16 -15.49 20.41 4.60
C LEU A 16 -16.05 21.20 5.77
N GLU A 17 -16.58 22.38 5.48
CA GLU A 17 -17.16 23.24 6.51
C GLU A 17 -18.40 22.56 7.09
N THR A 18 -19.16 21.87 6.25
CA THR A 18 -20.35 21.16 6.70
C THR A 18 -19.96 20.00 7.62
N ALA A 19 -18.89 19.29 7.26
CA ALA A 19 -18.42 18.17 8.07
C ALA A 19 -18.06 18.70 9.45
N ARG A 20 -17.39 19.84 9.47
CA ARG A 20 -16.98 20.48 10.72
C ARG A 20 -18.17 20.74 11.62
N ALA A 21 -19.22 21.31 11.04
CA ALA A 21 -20.44 21.64 11.78
C ALA A 21 -21.12 20.40 12.36
N GLU A 22 -21.03 19.29 11.64
CA GLU A 22 -21.65 18.05 12.08
C GLU A 22 -20.78 17.18 12.99
N GLY A 23 -19.62 17.70 13.37
CA GLY A 23 -18.71 16.98 14.24
C GLY A 23 -18.03 15.82 13.53
N LEU A 24 -18.00 15.88 12.20
CA LEU A 24 -17.39 14.82 11.41
C LEU A 24 -16.01 15.14 10.82
N PHE A 25 -15.45 16.27 11.21
CA PHE A 25 -14.14 16.66 10.70
C PHE A 25 -13.03 16.14 11.61
N LYS A 26 -12.21 15.24 11.06
CA LYS A 26 -11.11 14.66 11.82
C LYS A 26 -9.93 15.62 11.83
N GLU A 27 -9.50 15.99 13.03
CA GLU A 27 -8.37 16.88 13.19
C GLU A 27 -7.18 16.00 13.60
N GLU A 28 -6.04 16.18 12.96
CA GLU A 28 -4.88 15.37 13.31
C GLU A 28 -4.13 16.08 14.42
N ARG A 29 -3.75 15.33 15.45
CA ARG A 29 -3.00 15.87 16.57
C ARG A 29 -1.56 15.45 16.38
N ILE A 30 -0.68 16.43 16.29
CA ILE A 30 0.74 16.17 16.08
C ILE A 30 1.42 15.60 17.30
N ILE A 31 2.10 14.47 17.10
CA ILE A 31 2.84 13.81 18.16
C ILE A 31 4.31 14.07 17.87
N THR A 32 5.07 14.47 18.90
CA THR A 32 6.49 14.78 18.72
C THR A 32 7.45 13.72 19.24
N SER A 33 6.91 12.70 19.88
CA SER A 33 7.74 11.62 20.42
C SER A 33 7.56 10.37 19.57
N ALA A 34 8.26 9.30 19.95
CA ALA A 34 8.13 8.03 19.24
C ALA A 34 6.82 7.41 19.74
N GLN A 35 6.32 6.40 19.03
CA GLN A 35 5.07 5.75 19.42
C GLN A 35 5.32 4.89 20.65
N GLN A 36 4.51 5.14 21.68
CA GLN A 36 4.61 4.43 22.96
C GLN A 36 3.41 4.82 23.84
N ALA A 37 3.40 4.31 25.06
CA ALA A 37 2.31 4.61 26.00
C ALA A 37 2.34 6.08 26.40
N ASP A 38 3.52 6.56 26.79
CA ASP A 38 3.68 7.96 27.19
C ASP A 38 4.21 8.76 26.02
N ILE A 39 3.33 9.50 25.36
CA ILE A 39 3.75 10.31 24.22
C ILE A 39 3.69 11.79 24.53
N THR A 40 4.38 12.59 23.71
CA THR A 40 4.38 14.03 23.87
C THR A 40 3.74 14.62 22.62
N VAL A 41 2.92 15.65 22.80
CA VAL A 41 2.26 16.29 21.68
C VAL A 41 2.90 17.63 21.37
N ALA A 42 2.44 18.26 20.31
CA ALA A 42 2.98 19.53 19.84
C ALA A 42 3.40 20.56 20.88
N ASP A 43 2.56 20.82 21.88
CA ASP A 43 2.92 21.82 22.89
C ASP A 43 3.88 21.31 23.97
N GLY A 44 4.34 20.07 23.82
CA GLY A 44 5.28 19.51 24.76
C GLY A 44 4.69 18.76 25.95
N SER A 45 3.37 18.78 26.09
CA SER A 45 2.72 18.07 27.19
C SER A 45 2.78 16.56 27.00
N HIS A 46 2.76 15.83 28.10
CA HIS A 46 2.80 14.37 28.09
C HIS A 46 1.41 13.81 28.35
N VAL A 47 1.02 12.80 27.59
CA VAL A 47 -0.28 12.15 27.74
C VAL A 47 -0.13 10.65 27.52
N ILE A 48 -1.06 9.87 28.08
CA ILE A 48 -1.01 8.42 27.93
C ILE A 48 -1.86 8.01 26.74
N ASN A 49 -1.20 7.38 25.77
CA ASN A 49 -1.87 6.94 24.56
C ASN A 49 -2.62 5.63 24.71
N PHE A 50 -3.94 5.71 24.61
CA PHE A 50 -4.81 4.53 24.73
C PHE A 50 -5.56 4.26 23.42
N CYS A 51 -4.92 4.52 22.28
CA CYS A 51 -5.58 4.28 21.01
C CYS A 51 -4.65 3.89 19.86
N ALA A 52 -3.59 3.13 20.15
CA ALA A 52 -2.65 2.70 19.12
C ALA A 52 -2.77 1.19 18.85
N ASN A 53 -2.29 0.74 17.69
CA ASN A 53 -2.31 -0.70 17.35
C ASN A 53 -1.01 -1.28 17.85
N ASN A 54 -0.38 -0.55 18.76
CA ASN A 54 0.91 -0.95 19.32
C ASN A 54 0.67 -1.93 20.48
N TYR A 55 -0.08 -2.99 20.16
CA TYR A 55 -0.48 -4.01 21.13
C TYR A 55 0.58 -4.60 22.06
N LEU A 56 1.77 -4.87 21.56
CA LEU A 56 2.81 -5.45 22.40
C LEU A 56 3.85 -4.41 22.82
N GLY A 57 3.55 -3.15 22.53
CA GLY A 57 4.46 -2.06 22.88
C GLY A 57 5.83 -2.14 22.24
N LEU A 58 5.88 -2.57 20.98
CA LEU A 58 7.16 -2.72 20.28
C LEU A 58 7.50 -1.66 19.24
N ALA A 59 6.58 -0.72 19.01
CA ALA A 59 6.81 0.31 18.00
C ALA A 59 8.06 1.15 18.20
N ASN A 60 8.54 1.24 19.43
CA ASN A 60 9.75 2.02 19.72
C ASN A 60 10.79 1.17 20.45
N HIS A 61 10.71 -0.14 20.26
CA HIS A 61 11.64 -1.03 20.93
C HIS A 61 13.05 -0.93 20.36
N PRO A 62 14.05 -0.83 21.24
CA PRO A 62 15.48 -0.74 20.91
C PRO A 62 15.94 -1.85 19.97
N ASP A 63 15.49 -3.07 20.23
CA ASP A 63 15.89 -4.23 19.44
C ASP A 63 15.41 -4.16 17.99
N LEU A 64 14.23 -3.61 17.76
CA LEU A 64 13.71 -3.47 16.40
C LEU A 64 14.44 -2.35 15.68
N ILE A 65 14.70 -1.26 16.39
CA ILE A 65 15.42 -0.13 15.81
C ILE A 65 16.83 -0.61 15.44
N ALA A 66 17.46 -1.37 16.33
CA ALA A 66 18.79 -1.90 16.06
C ALA A 66 18.79 -2.82 14.84
N ALA A 67 17.78 -3.68 14.75
CA ALA A 67 17.68 -4.62 13.62
C ALA A 67 17.49 -3.85 12.31
N ALA A 68 16.66 -2.82 12.35
CA ALA A 68 16.40 -2.01 11.16
C ALA A 68 17.68 -1.33 10.69
N LYS A 69 18.46 -0.81 11.64
CA LYS A 69 19.72 -0.15 11.31
C LYS A 69 20.70 -1.13 10.70
N ALA A 70 20.81 -2.31 11.31
CA ALA A 70 21.72 -3.33 10.82
C ALA A 70 21.27 -3.76 9.43
N GLY A 71 19.96 -3.79 9.22
CA GLY A 71 19.41 -4.18 7.93
C GLY A 71 19.82 -3.20 6.84
N MSE A 72 19.75 -1.91 7.13
CA MSE A 72 20.12 -0.90 6.14
C MSE A 72 21.63 -0.93 5.87
O MSE A 72 22.06 -0.71 4.74
CB MSE A 72 19.72 0.50 6.62
CG MSE A 72 18.20 0.71 6.73
SE MSE A 72 17.73 2.49 6.90
CE MSE A 72 18.41 2.84 8.50
N ASP A 73 22.41 -1.23 6.91
CA ASP A 73 23.87 -1.30 6.77
C ASP A 73 24.30 -2.39 5.81
N SER A 74 23.61 -3.53 5.85
CA SER A 74 23.95 -4.66 5.00
C SER A 74 23.12 -4.75 3.71
N HIS A 75 21.85 -4.37 3.78
CA HIS A 75 20.99 -4.46 2.60
C HIS A 75 20.49 -3.15 2.00
N GLY A 76 20.96 -2.03 2.52
CA GLY A 76 20.56 -0.75 1.94
C GLY A 76 19.30 -0.09 2.47
N PHE A 77 18.96 1.05 1.87
CA PHE A 77 17.79 1.82 2.26
C PHE A 77 16.51 1.39 1.54
N GLY A 78 16.58 1.27 0.21
CA GLY A 78 15.42 0.88 -0.56
C GLY A 78 15.73 -0.09 -1.69
N MSE A 79 14.72 -0.83 -2.15
CA MSE A 79 14.93 -1.77 -3.25
C MSE A 79 14.73 -1.09 -4.59
O MSE A 79 15.29 -1.53 -5.60
CB MSE A 79 13.95 -2.95 -3.13
CG MSE A 79 14.12 -3.80 -1.88
SE MSE A 79 15.85 -4.33 -1.62
CE MSE A 79 16.26 -5.01 -3.24
N ALA A 80 13.94 -0.02 -4.62
CA ALA A 80 13.67 0.71 -5.85
C ALA A 80 13.24 -0.24 -6.97
N SER A 81 12.39 -1.21 -6.63
CA SER A 81 11.92 -2.19 -7.59
C SER A 81 10.84 -3.10 -7.04
N VAL A 82 9.99 -3.61 -7.92
CA VAL A 82 8.97 -4.55 -7.50
C VAL A 82 9.73 -5.86 -7.38
N ARG A 83 9.15 -6.85 -6.72
CA ARG A 83 9.82 -8.12 -6.49
C ARG A 83 10.36 -8.92 -7.69
N PHE A 84 9.58 -9.04 -8.77
CA PHE A 84 10.04 -9.84 -9.90
C PHE A 84 11.19 -9.28 -10.74
N ILE A 85 11.51 -7.99 -10.59
CA ILE A 85 12.59 -7.40 -11.36
C ILE A 85 13.89 -7.50 -10.56
N CYS A 86 14.11 -6.58 -9.64
CA CYS A 86 15.31 -6.63 -8.82
C CYS A 86 15.00 -6.18 -7.39
N GLY A 87 13.83 -6.57 -6.91
CA GLY A 87 13.41 -6.20 -5.56
C GLY A 87 13.41 -7.31 -4.55
N THR A 88 13.96 -8.47 -4.91
CA THR A 88 14.02 -9.61 -4.00
C THR A 88 15.40 -9.87 -3.43
N GLN A 89 15.56 -9.65 -2.12
CA GLN A 89 16.84 -9.91 -1.48
C GLN A 89 16.67 -11.22 -0.71
N ASP A 90 17.78 -11.81 -0.28
CA ASP A 90 17.72 -13.06 0.47
C ASP A 90 16.85 -12.89 1.73
N SER A 91 16.94 -11.72 2.36
CA SER A 91 16.16 -11.45 3.56
C SER A 91 14.65 -11.42 3.34
N HIS A 92 14.22 -11.06 2.13
CA HIS A 92 12.78 -11.05 1.84
C HIS A 92 12.28 -12.50 1.94
N LYS A 93 13.04 -13.41 1.35
CA LYS A 93 12.68 -14.82 1.37
C LYS A 93 12.78 -15.37 2.78
N GLU A 94 13.79 -14.96 3.54
CA GLU A 94 13.92 -15.43 4.91
C GLU A 94 12.67 -15.02 5.71
N LEU A 95 12.23 -13.78 5.51
CA LEU A 95 11.04 -13.28 6.22
C LEU A 95 9.79 -14.04 5.82
N GLU A 96 9.60 -14.27 4.52
CA GLU A 96 8.41 -14.99 4.05
C GLU A 96 8.40 -16.42 4.59
N GLN A 97 9.56 -17.06 4.63
CA GLN A 97 9.65 -18.42 5.15
C GLN A 97 9.30 -18.41 6.65
N LYS A 98 9.83 -17.43 7.37
CA LYS A 98 9.59 -17.29 8.81
C LYS A 98 8.12 -17.02 9.11
N LEU A 99 7.50 -16.17 8.28
CA LEU A 99 6.09 -15.82 8.45
C LEU A 99 5.17 -17.02 8.20
N ALA A 100 5.42 -17.74 7.11
CA ALA A 100 4.61 -18.90 6.78
C ALA A 100 4.67 -19.92 7.92
N ALA A 101 5.88 -20.19 8.40
CA ALA A 101 6.07 -21.13 9.50
C ALA A 101 5.34 -20.65 10.75
N PHE A 102 5.47 -19.38 11.08
CA PHE A 102 4.82 -18.80 12.25
C PHE A 102 3.30 -19.01 12.23
N LEU A 103 2.69 -18.75 11.08
CA LEU A 103 1.25 -18.87 10.94
C LEU A 103 0.79 -20.31 10.70
N GLY A 104 1.72 -21.22 10.47
CA GLY A 104 1.37 -22.60 10.22
C GLY A 104 0.83 -22.79 8.82
N MSE A 105 1.44 -22.09 7.86
CA MSE A 105 1.01 -22.17 6.47
C MSE A 105 2.20 -22.61 5.62
O MSE A 105 3.35 -22.62 6.08
CB MSE A 105 0.49 -20.82 6.00
CG MSE A 105 -0.70 -20.29 6.81
SE MSE A 105 -2.23 -21.27 6.59
CE MSE A 105 -3.30 -20.07 5.74
N GLU A 106 1.92 -22.99 4.38
CA GLU A 106 2.96 -23.45 3.47
C GLU A 106 3.88 -22.35 2.94
N ASP A 107 3.32 -21.19 2.64
CA ASP A 107 4.12 -20.09 2.13
C ASP A 107 3.45 -18.76 2.43
N ALA A 108 4.16 -17.66 2.17
CA ALA A 108 3.66 -16.32 2.41
C ALA A 108 4.24 -15.37 1.38
N ILE A 109 3.46 -14.35 1.03
CA ILE A 109 3.90 -13.36 0.05
C ILE A 109 3.77 -11.97 0.66
N LEU A 110 4.82 -11.17 0.53
CA LEU A 110 4.85 -9.82 1.10
C LEU A 110 4.24 -8.72 0.23
N TYR A 111 3.59 -7.77 0.92
CA TYR A 111 2.98 -6.59 0.31
C TYR A 111 3.40 -5.40 1.18
N SER A 112 3.18 -4.17 0.73
CA SER A 112 3.56 -3.03 1.54
C SER A 112 2.56 -2.74 2.67
N SER A 113 1.41 -3.42 2.63
CA SER A 113 0.40 -3.25 3.66
C SER A 113 -0.64 -4.37 3.53
N CYS A 114 -1.40 -4.61 4.59
CA CYS A 114 -2.44 -5.62 4.53
C CYS A 114 -3.55 -5.08 3.63
N PHE A 115 -3.66 -3.75 3.55
CA PHE A 115 -4.68 -3.16 2.69
C PHE A 115 -4.44 -3.64 1.26
N ASP A 116 -3.17 -3.68 0.86
CA ASP A 116 -2.79 -4.15 -0.47
C ASP A 116 -2.88 -5.65 -0.63
N ALA A 117 -2.57 -6.38 0.44
CA ALA A 117 -2.64 -7.83 0.40
C ALA A 117 -4.08 -8.23 0.09
N ASN A 118 -5.02 -7.61 0.79
CA ASN A 118 -6.44 -7.89 0.57
C ASN A 118 -6.86 -7.42 -0.81
N GLY A 119 -6.39 -6.23 -1.19
CA GLY A 119 -6.73 -5.69 -2.48
C GLY A 119 -6.24 -6.54 -3.64
N GLY A 120 -5.10 -7.20 -3.46
CA GLY A 120 -4.56 -8.02 -4.53
C GLY A 120 -4.84 -9.51 -4.40
N LEU A 121 -5.75 -9.87 -3.51
CA LEU A 121 -6.07 -11.28 -3.28
C LEU A 121 -7.19 -11.87 -4.15
N PHE A 122 -8.42 -11.45 -3.87
CA PHE A 122 -9.62 -11.95 -4.55
C PHE A 122 -9.62 -11.97 -6.07
N GLU A 123 -9.35 -10.83 -6.69
CA GLU A 123 -9.35 -10.74 -8.15
C GLU A 123 -8.42 -11.76 -8.81
N THR A 124 -7.33 -12.08 -8.12
CA THR A 124 -6.32 -13.01 -8.64
C THR A 124 -6.71 -14.48 -8.58
N LEU A 125 -7.53 -14.85 -7.60
CA LEU A 125 -7.93 -16.24 -7.41
C LEU A 125 -9.35 -16.64 -7.80
N LEU A 126 -10.25 -15.68 -7.92
CA LEU A 126 -11.64 -16.00 -8.27
C LEU A 126 -12.13 -15.18 -9.46
N GLY A 127 -13.14 -15.71 -10.14
CA GLY A 127 -13.70 -15.02 -11.30
C GLY A 127 -15.21 -14.98 -11.34
N ALA A 128 -15.75 -14.68 -12.53
CA ALA A 128 -17.20 -14.56 -12.74
C ALA A 128 -18.02 -15.80 -12.40
N GLU A 129 -17.42 -16.99 -12.51
CA GLU A 129 -18.13 -18.22 -12.20
C GLU A 129 -18.11 -18.55 -10.71
N ASP A 130 -17.40 -17.74 -9.94
CA ASP A 130 -17.29 -17.98 -8.51
C ASP A 130 -18.13 -17.06 -7.66
N ALA A 131 -18.08 -17.27 -6.35
CA ALA A 131 -18.83 -16.45 -5.41
C ALA A 131 -18.02 -16.18 -4.15
N ILE A 132 -18.24 -15.00 -3.58
CA ILE A 132 -17.57 -14.58 -2.36
C ILE A 132 -18.67 -14.20 -1.35
N ILE A 133 -18.60 -14.79 -0.17
CA ILE A 133 -19.58 -14.51 0.88
C ILE A 133 -18.84 -13.78 2.00
N SER A 134 -19.21 -12.52 2.21
CA SER A 134 -18.55 -11.68 3.20
C SER A 134 -19.37 -11.30 4.42
N ASP A 135 -18.69 -11.19 5.57
CA ASP A 135 -19.34 -10.78 6.81
C ASP A 135 -19.56 -9.30 6.55
N ALA A 136 -20.78 -8.83 6.80
CA ALA A 136 -21.13 -7.43 6.56
C ALA A 136 -20.27 -6.40 7.27
N LEU A 137 -19.55 -6.81 8.32
CA LEU A 137 -18.71 -5.88 9.08
C LEU A 137 -17.25 -5.90 8.64
N ASN A 138 -16.97 -6.56 7.52
CA ASN A 138 -15.61 -6.67 7.01
C ASN A 138 -14.93 -5.32 6.81
N HIS A 139 -13.61 -5.31 6.98
CA HIS A 139 -12.81 -4.11 6.82
C HIS A 139 -12.93 -3.55 5.41
N ALA A 140 -12.69 -2.25 5.27
CA ALA A 140 -12.77 -1.58 3.97
C ALA A 140 -11.81 -2.18 2.95
N SER A 141 -10.66 -2.66 3.40
CA SER A 141 -9.68 -3.24 2.49
C SER A 141 -10.15 -4.56 1.87
N ILE A 142 -10.96 -5.30 2.62
CA ILE A 142 -11.49 -6.57 2.12
C ILE A 142 -12.56 -6.23 1.09
N ILE A 143 -13.44 -5.30 1.47
CA ILE A 143 -14.52 -4.87 0.60
C ILE A 143 -13.98 -4.37 -0.74
N ASP A 144 -12.93 -3.57 -0.71
CA ASP A 144 -12.36 -3.04 -1.93
C ASP A 144 -11.66 -4.11 -2.76
N GLY A 145 -11.10 -5.11 -2.09
CA GLY A 145 -10.46 -6.19 -2.83
C GLY A 145 -11.54 -6.99 -3.53
N VAL A 146 -12.64 -7.23 -2.82
CA VAL A 146 -13.77 -7.98 -3.37
C VAL A 146 -14.42 -7.21 -4.52
N ARG A 147 -14.42 -5.88 -4.42
CA ARG A 147 -15.02 -5.04 -5.46
C ARG A 147 -14.28 -5.18 -6.79
N LEU A 148 -12.97 -5.48 -6.71
CA LEU A 148 -12.15 -5.63 -7.91
C LEU A 148 -12.26 -7.03 -8.50
N CYS A 149 -12.95 -7.92 -7.80
CA CYS A 149 -13.12 -9.30 -8.23
C CYS A 149 -14.44 -9.48 -8.98
N LYS A 150 -14.43 -10.34 -9.99
CA LYS A 150 -15.63 -10.60 -10.80
C LYS A 150 -16.62 -11.58 -10.17
N ALA A 151 -16.22 -12.24 -9.08
CA ALA A 151 -17.10 -13.20 -8.41
C ALA A 151 -18.40 -12.58 -7.93
N LYS A 152 -19.46 -13.39 -7.92
CA LYS A 152 -20.78 -12.95 -7.44
C LYS A 152 -20.66 -12.73 -5.93
N ARG A 153 -21.15 -11.59 -5.44
CA ARG A 153 -21.06 -11.27 -4.02
C ARG A 153 -22.32 -11.48 -3.19
N TYR A 154 -22.12 -11.92 -1.95
CA TYR A 154 -23.20 -12.16 -0.98
C TYR A 154 -22.70 -11.68 0.38
N ARG A 155 -23.59 -11.24 1.25
CA ARG A 155 -23.20 -10.76 2.59
C ARG A 155 -24.06 -11.37 3.67
N TYR A 156 -23.47 -11.58 4.84
CA TYR A 156 -24.23 -12.11 5.96
C TYR A 156 -24.01 -11.18 7.15
N ALA A 157 -25.06 -10.95 7.92
CA ALA A 157 -24.97 -10.08 9.10
C ALA A 157 -23.80 -10.55 9.95
N ASN A 158 -23.14 -9.60 10.62
CA ASN A 158 -21.98 -9.90 11.44
C ASN A 158 -22.14 -11.08 12.38
N ASN A 159 -21.18 -12.00 12.32
CA ASN A 159 -21.17 -13.20 13.15
C ASN A 159 -22.46 -14.01 13.14
N ASP A 160 -23.32 -13.80 12.14
CA ASP A 160 -24.56 -14.54 12.05
C ASP A 160 -24.37 -15.79 11.21
N MSE A 161 -24.17 -16.92 11.89
CA MSE A 161 -23.97 -18.18 11.19
C MSE A 161 -25.21 -18.66 10.45
O MSE A 161 -25.12 -19.45 9.50
CB MSE A 161 -23.50 -19.25 12.18
CG MSE A 161 -22.15 -18.95 12.84
SE MSE A 161 -20.78 -18.73 11.65
CE MSE A 161 -20.84 -16.96 11.40
N GLN A 162 -26.39 -18.21 10.88
CA GLN A 162 -27.62 -18.61 10.20
C GLN A 162 -27.66 -17.99 8.82
N GLU A 163 -27.32 -16.71 8.73
CA GLU A 163 -27.31 -16.02 7.44
C GLU A 163 -26.14 -16.49 6.57
N LEU A 164 -25.02 -16.80 7.20
CA LEU A 164 -23.87 -17.29 6.44
C LEU A 164 -24.30 -18.57 5.72
N GLU A 165 -24.97 -19.46 6.46
CA GLU A 165 -25.42 -20.72 5.86
C GLU A 165 -26.44 -20.47 4.74
N ALA A 166 -27.33 -19.52 4.95
CA ALA A 166 -28.34 -19.19 3.96
C ALA A 166 -27.69 -18.70 2.65
N ARG A 167 -26.65 -17.89 2.78
CA ARG A 167 -25.95 -17.35 1.62
C ARG A 167 -25.14 -18.44 0.92
N LEU A 168 -24.59 -19.37 1.68
CA LEU A 168 -23.82 -20.47 1.11
C LEU A 168 -24.72 -21.35 0.27
N LYS A 169 -25.93 -21.64 0.77
CA LYS A 169 -26.88 -22.46 0.01
C LYS A 169 -27.27 -21.68 -1.23
N GLU A 170 -27.51 -20.37 -1.06
CA GLU A 170 -27.89 -19.52 -2.18
C GLU A 170 -26.84 -19.50 -3.28
N ALA A 171 -25.58 -19.33 -2.88
CA ALA A 171 -24.49 -19.29 -3.83
C ALA A 171 -24.36 -20.62 -4.58
N ARG A 172 -24.44 -21.72 -3.84
CA ARG A 172 -24.34 -23.05 -4.43
C ARG A 172 -25.53 -23.37 -5.33
N GLU A 173 -26.71 -22.91 -4.93
CA GLU A 173 -27.92 -23.15 -5.73
C GLU A 173 -27.83 -22.41 -7.05
N ALA A 174 -27.24 -21.21 -7.01
CA ALA A 174 -27.09 -20.38 -8.18
C ALA A 174 -26.06 -20.93 -9.17
N GLY A 175 -25.37 -21.99 -8.77
CA GLY A 175 -24.39 -22.59 -9.65
C GLY A 175 -22.95 -22.13 -9.50
N ALA A 176 -22.64 -21.42 -8.42
CA ALA A 176 -21.27 -20.96 -8.21
C ALA A 176 -20.31 -22.14 -8.27
N ARG A 177 -19.14 -21.93 -8.86
CA ARG A 177 -18.14 -22.99 -8.97
C ARG A 177 -17.37 -23.04 -7.65
N HIS A 178 -16.43 -22.12 -7.49
CA HIS A 178 -15.65 -22.03 -6.28
C HIS A 178 -16.27 -20.97 -5.39
N VAL A 179 -16.39 -21.27 -4.10
CA VAL A 179 -16.99 -20.33 -3.16
C VAL A 179 -15.98 -20.01 -2.06
N LEU A 180 -15.91 -18.74 -1.69
CA LEU A 180 -14.99 -18.31 -0.64
C LEU A 180 -15.70 -17.44 0.38
N ILE A 181 -15.45 -17.73 1.66
CA ILE A 181 -16.03 -16.96 2.74
C ILE A 181 -14.92 -16.01 3.22
N ALA A 182 -15.21 -14.72 3.26
CA ALA A 182 -14.23 -13.73 3.69
C ALA A 182 -14.66 -13.03 4.96
N THR A 183 -13.77 -13.02 5.95
CA THR A 183 -14.09 -12.38 7.22
C THR A 183 -12.88 -11.83 7.98
N ASP A 184 -13.12 -10.76 8.73
CA ASP A 184 -12.10 -10.18 9.59
C ASP A 184 -11.88 -11.26 10.66
N GLY A 185 -10.67 -11.33 11.22
CA GLY A 185 -10.42 -12.30 12.26
C GLY A 185 -10.95 -11.64 13.53
N VAL A 186 -10.79 -10.33 13.55
CA VAL A 186 -11.24 -9.47 14.64
C VAL A 186 -11.80 -8.21 13.98
N PHE A 187 -13.05 -7.89 14.29
CA PHE A 187 -13.69 -6.71 13.73
C PHE A 187 -13.20 -5.49 14.53
N SER A 188 -12.26 -4.77 13.91
CA SER A 188 -11.56 -3.63 14.49
C SER A 188 -12.29 -2.43 15.11
N MSE A 189 -13.53 -2.17 14.71
CA MSE A 189 -14.24 -1.05 15.32
C MSE A 189 -15.13 -1.54 16.47
O MSE A 189 -15.72 -0.73 17.19
CB MSE A 189 -15.09 -0.30 14.30
CG MSE A 189 -14.31 0.50 13.28
SE MSE A 189 -13.21 1.74 14.01
CE MSE A 189 -11.95 1.80 12.73
N ASP A 190 -15.21 -2.85 16.61
CA ASP A 190 -16.07 -3.43 17.65
C ASP A 190 -15.40 -4.31 18.71
N GLY A 191 -14.16 -4.73 18.47
CA GLY A 191 -13.49 -5.57 19.44
C GLY A 191 -14.15 -6.94 19.55
N VAL A 192 -14.65 -7.42 18.41
CA VAL A 192 -15.32 -8.73 18.34
C VAL A 192 -14.46 -9.72 17.56
N ILE A 193 -14.21 -10.88 18.17
CA ILE A 193 -13.43 -11.93 17.52
C ILE A 193 -14.40 -12.81 16.75
N ALA A 194 -14.06 -13.10 15.49
CA ALA A 194 -14.91 -13.91 14.64
C ALA A 194 -15.13 -15.33 15.17
N ASN A 195 -16.27 -15.92 14.80
CA ASN A 195 -16.61 -17.28 15.21
C ASN A 195 -16.11 -18.21 14.11
N LEU A 196 -14.78 -18.40 14.07
CA LEU A 196 -14.18 -19.23 13.05
C LEU A 196 -14.55 -20.71 13.08
N LYS A 197 -14.88 -21.24 14.25
CA LYS A 197 -15.29 -22.64 14.33
C LYS A 197 -16.61 -22.76 13.58
N GLY A 198 -17.47 -21.77 13.79
CA GLY A 198 -18.76 -21.77 13.12
C GLY A 198 -18.59 -21.57 11.63
N VAL A 199 -17.67 -20.70 11.25
CA VAL A 199 -17.41 -20.41 9.84
C VAL A 199 -16.83 -21.64 9.13
N CYS A 200 -15.80 -22.23 9.72
CA CYS A 200 -15.15 -23.39 9.12
C CYS A 200 -16.06 -24.60 9.03
N ASP A 201 -16.91 -24.80 10.03
CA ASP A 201 -17.83 -25.93 9.99
C ASP A 201 -18.75 -25.78 8.79
N LEU A 202 -19.22 -24.57 8.56
CA LEU A 202 -20.09 -24.30 7.42
C LEU A 202 -19.32 -24.40 6.10
N ALA A 203 -18.03 -24.04 6.14
CA ALA A 203 -17.19 -24.12 4.94
C ALA A 203 -17.07 -25.58 4.51
N ASP A 204 -16.96 -26.49 5.48
CA ASP A 204 -16.85 -27.91 5.17
C ASP A 204 -18.14 -28.44 4.55
N LYS A 205 -19.27 -28.08 5.16
CA LYS A 205 -20.58 -28.51 4.71
C LYS A 205 -20.95 -28.01 3.32
N TYR A 206 -20.48 -26.81 2.97
CA TYR A 206 -20.81 -26.23 1.68
C TYR A 206 -19.64 -26.13 0.69
N ASP A 207 -18.55 -26.83 1.00
CA ASP A 207 -17.37 -26.85 0.13
C ASP A 207 -16.85 -25.46 -0.22
N ALA A 208 -16.63 -24.63 0.79
CA ALA A 208 -16.14 -23.27 0.56
C ALA A 208 -14.77 -23.04 1.18
N LEU A 209 -14.02 -22.14 0.56
CA LEU A 209 -12.68 -21.76 1.03
C LEU A 209 -12.89 -20.72 2.12
N VAL A 210 -11.92 -20.59 3.03
CA VAL A 210 -12.04 -19.61 4.10
C VAL A 210 -10.85 -18.65 4.12
N MSE A 211 -11.17 -17.36 4.10
CA MSE A 211 -10.17 -16.30 4.14
C MSE A 211 -10.38 -15.48 5.40
O MSE A 211 -11.50 -15.08 5.71
CB MSE A 211 -10.29 -15.38 2.91
CG MSE A 211 -9.45 -14.10 2.98
SE MSE A 211 -10.21 -12.68 3.89
CE MSE A 211 -8.92 -11.43 3.67
N VAL A 212 -9.29 -15.23 6.12
CA VAL A 212 -9.37 -14.45 7.34
C VAL A 212 -8.30 -13.35 7.38
N ASP A 213 -8.73 -12.13 7.69
CA ASP A 213 -7.81 -11.01 7.81
C ASP A 213 -7.51 -10.91 9.29
N ASP A 214 -6.28 -11.27 9.68
CA ASP A 214 -5.91 -11.24 11.08
C ASP A 214 -5.04 -10.05 11.50
N SER A 215 -5.24 -8.91 10.84
CA SER A 215 -4.46 -7.70 11.14
C SER A 215 -4.53 -7.30 12.62
N HIS A 216 -5.68 -7.47 13.25
CA HIS A 216 -5.84 -7.11 14.66
C HIS A 216 -5.83 -8.33 15.58
N ALA A 217 -5.06 -9.33 15.20
CA ALA A 217 -4.97 -10.55 16.00
C ALA A 217 -3.57 -11.15 15.99
N VAL A 218 -2.91 -11.15 14.84
CA VAL A 218 -1.58 -11.72 14.72
C VAL A 218 -0.60 -11.13 15.73
N GLY A 219 0.08 -12.00 16.45
CA GLY A 219 1.06 -11.56 17.42
C GLY A 219 0.60 -11.57 18.87
N PHE A 220 -0.70 -11.38 19.10
CA PHE A 220 -1.20 -11.37 20.47
C PHE A 220 -2.49 -12.14 20.77
N VAL A 221 -3.24 -12.52 19.75
CA VAL A 221 -4.46 -13.30 19.97
C VAL A 221 -4.06 -14.76 19.84
N GLY A 222 -4.52 -15.59 20.78
CA GLY A 222 -4.16 -16.99 20.76
C GLY A 222 -3.06 -17.21 21.79
N GLU A 223 -2.99 -18.40 22.37
CA GLU A 223 -1.98 -18.70 23.40
C GLU A 223 -0.54 -18.57 22.92
N ASN A 224 -0.34 -18.70 21.61
CA ASN A 224 1.00 -18.56 21.03
C ASN A 224 1.03 -17.31 20.14
N GLY A 225 0.02 -16.46 20.32
CA GLY A 225 -0.08 -15.24 19.54
C GLY A 225 -0.17 -15.47 18.03
N ARG A 226 -0.65 -16.63 17.63
CA ARG A 226 -0.74 -16.95 16.21
C ARG A 226 -1.90 -16.27 15.48
N GLY A 227 -2.94 -15.88 16.22
CA GLY A 227 -4.07 -15.21 15.62
C GLY A 227 -5.40 -15.85 15.97
N SER A 228 -6.45 -15.44 15.26
CA SER A 228 -7.78 -15.96 15.51
C SER A 228 -7.94 -17.44 15.18
N HIS A 229 -7.16 -17.94 14.23
CA HIS A 229 -7.29 -19.35 13.89
C HIS A 229 -6.80 -20.23 15.04
N GLU A 230 -5.84 -19.75 15.83
CA GLU A 230 -5.38 -20.52 16.98
C GLU A 230 -6.40 -20.35 18.09
N TYR A 231 -6.82 -19.11 18.31
CA TYR A 231 -7.79 -18.78 19.33
C TYR A 231 -9.12 -19.55 19.20
N CYS A 232 -9.57 -19.74 17.97
CA CYS A 232 -10.81 -20.45 17.72
C CYS A 232 -10.55 -21.94 17.49
N ASP A 233 -9.30 -22.34 17.66
CA ASP A 233 -8.89 -23.73 17.48
C ASP A 233 -9.29 -24.35 16.14
N VAL A 234 -8.98 -23.64 15.06
CA VAL A 234 -9.26 -24.12 13.72
C VAL A 234 -7.98 -24.05 12.88
N MSE A 235 -6.84 -24.20 13.55
CA MSE A 235 -5.56 -24.16 12.86
C MSE A 235 -5.55 -25.26 11.81
O MSE A 235 -5.82 -26.41 12.09
CB MSE A 235 -4.40 -24.37 13.85
CG MSE A 235 -4.21 -23.22 14.84
SE MSE A 235 -2.65 -23.33 15.79
CE MSE A 235 -1.49 -22.62 14.59
N GLY A 236 -5.25 -24.87 10.56
CA GLY A 236 -5.21 -25.82 9.47
C GLY A 236 -6.50 -25.84 8.67
N ARG A 237 -7.54 -25.19 9.19
CA ARG A 237 -8.83 -25.14 8.51
C ARG A 237 -9.11 -23.83 7.78
N VAL A 238 -8.19 -22.87 7.89
CA VAL A 238 -8.34 -21.60 7.20
C VAL A 238 -7.41 -21.67 5.98
N ASP A 239 -7.98 -21.55 4.79
CA ASP A 239 -7.20 -21.62 3.55
C ASP A 239 -6.25 -20.43 3.35
N ILE A 240 -6.76 -19.23 3.59
CA ILE A 240 -5.98 -18.03 3.39
C ILE A 240 -6.03 -17.07 4.58
N ILE A 241 -4.87 -16.62 5.02
CA ILE A 241 -4.80 -15.68 6.12
C ILE A 241 -3.98 -14.49 5.67
N THR A 242 -4.54 -13.29 5.83
CA THR A 242 -3.79 -12.10 5.48
C THR A 242 -3.46 -11.43 6.80
N GLY A 243 -2.45 -10.56 6.79
CA GLY A 243 -2.07 -9.90 8.01
C GLY A 243 -1.21 -8.68 7.75
N THR A 244 -0.84 -8.01 8.83
CA THR A 244 -0.04 -6.81 8.75
C THR A 244 1.18 -6.86 9.64
N LEU A 245 2.16 -6.03 9.32
CA LEU A 245 3.39 -5.91 10.10
C LEU A 245 3.30 -4.54 10.75
N GLY A 246 2.24 -3.81 10.43
CA GLY A 246 2.04 -2.47 10.96
C GLY A 246 1.25 -2.33 12.25
N LYS A 247 0.93 -3.45 12.89
CA LYS A 247 0.19 -3.40 14.15
C LYS A 247 1.05 -3.91 15.29
N ALA A 248 0.69 -5.07 15.84
CA ALA A 248 1.44 -5.65 16.95
C ALA A 248 2.87 -6.04 16.56
N LEU A 249 3.08 -6.39 15.30
CA LEU A 249 4.40 -6.82 14.82
C LEU A 249 5.39 -5.73 14.46
N GLY A 250 5.47 -4.66 15.25
CA GLY A 250 6.41 -3.60 14.94
C GLY A 250 5.77 -2.25 14.68
N GLY A 251 4.71 -2.25 13.86
CA GLY A 251 4.00 -1.02 13.57
C GLY A 251 4.56 -0.09 12.50
N ALA A 252 5.60 -0.51 11.78
CA ALA A 252 6.19 0.34 10.75
C ALA A 252 5.44 0.27 9.43
N SER A 253 5.50 -0.88 8.77
CA SER A 253 4.82 -1.05 7.49
C SER A 253 4.91 -2.48 7.01
N GLY A 254 4.12 -2.80 5.99
CA GLY A 254 4.16 -4.14 5.43
C GLY A 254 2.92 -4.97 5.74
N GLY A 255 2.67 -5.95 4.88
CA GLY A 255 1.52 -6.82 5.05
C GLY A 255 1.85 -8.12 4.34
N TYR A 256 0.93 -9.06 4.34
CA TYR A 256 1.19 -10.34 3.70
C TYR A 256 -0.04 -11.20 3.56
N THR A 257 0.10 -12.25 2.76
CA THR A 257 -0.95 -13.24 2.55
C THR A 257 -0.22 -14.57 2.72
N ALA A 258 -0.76 -15.44 3.57
CA ALA A 258 -0.17 -16.75 3.81
C ALA A 258 -1.21 -17.76 3.36
N ALA A 259 -0.78 -18.80 2.65
CA ALA A 259 -1.70 -19.82 2.17
C ALA A 259 -0.92 -21.01 1.64
N ARG A 260 -1.62 -21.94 0.99
CA ARG A 260 -0.95 -23.09 0.43
C ARG A 260 -0.04 -22.61 -0.70
N LYS A 261 0.98 -23.39 -1.00
CA LYS A 261 1.95 -23.05 -2.04
C LYS A 261 1.38 -22.60 -3.38
N GLU A 262 0.35 -23.31 -3.88
CA GLU A 262 -0.24 -22.96 -5.18
C GLU A 262 -0.78 -21.55 -5.19
N VAL A 263 -1.55 -21.21 -4.15
CA VAL A 263 -2.14 -19.89 -4.00
C VAL A 263 -1.06 -18.80 -3.97
N VAL A 264 -0.06 -18.99 -3.11
CA VAL A 264 1.00 -17.99 -3.00
C VAL A 264 1.80 -17.78 -4.29
N GLU A 265 2.15 -18.86 -4.97
CA GLU A 265 2.91 -18.70 -6.20
C GLU A 265 2.06 -18.02 -7.27
N TRP A 266 0.77 -18.35 -7.34
CA TRP A 266 -0.09 -17.72 -8.34
C TRP A 266 -0.20 -16.23 -8.03
N LEU A 267 -0.24 -15.90 -6.74
CA LEU A 267 -0.32 -14.49 -6.33
C LEU A 267 0.94 -13.76 -6.78
N ARG A 268 2.10 -14.42 -6.68
CA ARG A 268 3.35 -13.79 -7.11
C ARG A 268 3.31 -13.54 -8.62
N GLN A 269 2.66 -14.45 -9.35
CA GLN A 269 2.58 -14.32 -10.80
C GLN A 269 1.51 -13.35 -11.30
N ARG A 270 0.42 -13.19 -10.56
CA ARG A 270 -0.67 -12.33 -11.02
C ARG A 270 -1.25 -11.28 -10.09
N SER A 271 -0.84 -11.24 -8.82
CA SER A 271 -1.40 -10.23 -7.91
C SER A 271 -0.90 -8.84 -8.32
N ARG A 272 -1.81 -7.96 -8.70
CA ARG A 272 -1.42 -6.64 -9.17
C ARG A 272 -0.58 -5.77 -8.22
N PRO A 273 -0.92 -5.70 -6.93
CA PRO A 273 -0.08 -4.86 -6.06
C PRO A 273 1.36 -5.40 -5.94
N TYR A 274 1.52 -6.71 -6.08
CA TYR A 274 2.83 -7.36 -5.99
C TYR A 274 3.64 -7.10 -7.25
N LEU A 275 2.94 -7.13 -8.39
CA LEU A 275 3.58 -6.91 -9.68
C LEU A 275 3.87 -5.44 -9.95
N PHE A 276 2.97 -4.57 -9.50
CA PHE A 276 3.07 -3.15 -9.79
C PHE A 276 3.34 -2.16 -8.66
N SER A 277 3.91 -2.65 -7.56
CA SER A 277 4.21 -1.77 -6.44
C SER A 277 5.51 -2.22 -5.78
N ASN A 278 6.28 -1.24 -5.30
CA ASN A 278 7.57 -1.45 -4.67
C ASN A 278 7.64 -2.58 -3.63
N SER A 279 8.77 -3.29 -3.64
CA SER A 279 9.02 -4.36 -2.70
C SER A 279 9.28 -3.75 -1.32
N LEU A 280 9.00 -4.50 -0.25
CA LEU A 280 9.19 -4.01 1.11
C LEU A 280 10.65 -3.56 1.33
N ALA A 281 10.83 -2.47 2.08
CA ALA A 281 12.15 -1.92 2.36
C ALA A 281 12.99 -2.83 3.27
N PRO A 282 14.31 -2.88 3.03
CA PRO A 282 15.25 -3.69 3.81
C PRO A 282 15.18 -3.49 5.32
N ALA A 283 15.00 -2.24 5.75
CA ALA A 283 14.93 -1.95 7.18
C ALA A 283 13.74 -2.66 7.83
N ILE A 284 12.60 -2.64 7.15
CA ILE A 284 11.38 -3.26 7.64
C ILE A 284 11.48 -4.78 7.61
N VAL A 285 12.07 -5.30 6.54
CA VAL A 285 12.24 -6.74 6.40
C VAL A 285 13.09 -7.28 7.54
N ALA A 286 14.22 -6.64 7.79
CA ALA A 286 15.14 -7.06 8.84
C ALA A 286 14.51 -6.98 10.22
N ALA A 287 13.83 -5.88 10.50
CA ALA A 287 13.19 -5.71 11.80
C ALA A 287 12.05 -6.69 11.99
N SER A 288 11.38 -7.06 10.90
CA SER A 288 10.27 -8.00 10.97
C SER A 288 10.75 -9.42 11.27
N ILE A 289 11.94 -9.76 10.79
CA ILE A 289 12.49 -11.08 11.05
C ILE A 289 12.76 -11.14 12.56
N LYS A 290 13.27 -10.05 13.11
CA LYS A 290 13.55 -9.98 14.54
C LYS A 290 12.28 -9.95 15.39
N VAL A 291 11.27 -9.21 14.94
CA VAL A 291 10.04 -9.09 15.71
C VAL A 291 9.30 -10.42 15.89
N LEU A 292 9.38 -11.30 14.90
CA LEU A 292 8.71 -12.60 15.01
C LEU A 292 9.34 -13.40 16.14
N GLU A 293 10.64 -13.22 16.35
CA GLU A 293 11.33 -13.93 17.44
C GLU A 293 10.89 -13.33 18.77
N MSE A 294 10.77 -12.00 18.80
CA MSE A 294 10.33 -11.30 20.02
C MSE A 294 8.91 -11.73 20.36
O MSE A 294 8.59 -11.94 21.53
CB MSE A 294 10.40 -9.79 19.80
CG MSE A 294 11.81 -9.24 19.60
SE MSE A 294 11.87 -7.42 19.39
CE MSE A 294 11.60 -6.89 21.08
N VAL A 295 8.08 -11.86 19.34
CA VAL A 295 6.69 -12.28 19.54
C VAL A 295 6.61 -13.71 20.07
N GLU A 296 7.41 -14.60 19.47
CA GLU A 296 7.40 -15.99 19.89
C GLU A 296 7.84 -16.12 21.33
N ALA A 297 8.64 -15.16 21.80
CA ALA A 297 9.11 -15.15 23.18
C ALA A 297 8.39 -14.05 23.95
N GLY A 298 7.20 -13.67 23.49
CA GLY A 298 6.44 -12.62 24.15
C GLY A 298 5.27 -13.07 25.00
N SER A 299 5.40 -14.24 25.62
CA SER A 299 4.33 -14.76 26.46
C SER A 299 4.01 -13.79 27.60
N GLU A 300 5.05 -13.22 28.20
CA GLU A 300 4.87 -12.27 29.29
C GLU A 300 4.16 -10.99 28.81
N LEU A 301 4.44 -10.58 27.57
CA LEU A 301 3.81 -9.39 27.00
C LEU A 301 2.32 -9.65 26.79
N ARG A 302 1.99 -10.83 26.28
CA ARG A 302 0.60 -11.20 26.04
C ARG A 302 -0.15 -11.29 27.37
N ASP A 303 0.50 -11.83 28.39
CA ASP A 303 -0.13 -11.93 29.71
C ASP A 303 -0.49 -10.53 30.22
N ARG A 304 0.44 -9.59 30.08
CA ARG A 304 0.21 -8.22 30.52
C ARG A 304 -0.93 -7.58 29.74
N LEU A 305 -0.88 -7.73 28.42
CA LEU A 305 -1.91 -7.16 27.56
C LEU A 305 -3.27 -7.68 27.96
N TRP A 306 -3.37 -9.00 28.10
CA TRP A 306 -4.63 -9.62 28.47
C TRP A 306 -5.12 -9.17 29.84
N ALA A 307 -4.20 -8.96 30.77
CA ALA A 307 -4.57 -8.49 32.09
C ALA A 307 -5.07 -7.05 31.97
N ASN A 308 -4.40 -6.25 31.15
CA ASN A 308 -4.80 -4.85 30.97
C ASN A 308 -6.18 -4.73 30.36
N ALA A 309 -6.46 -5.55 29.34
CA ALA A 309 -7.75 -5.52 28.68
C ALA A 309 -8.88 -5.88 29.65
N ARG A 310 -8.69 -6.92 30.47
CA ARG A 310 -9.75 -7.28 31.40
C ARG A 310 -9.92 -6.24 32.49
N GLN A 311 -8.84 -5.56 32.88
CA GLN A 311 -8.97 -4.53 33.91
C GLN A 311 -9.79 -3.34 33.38
N PHE A 312 -9.45 -2.84 32.20
CA PHE A 312 -10.15 -1.70 31.64
C PHE A 312 -11.62 -2.03 31.38
N ARG A 313 -11.89 -3.20 30.82
CA ARG A 313 -13.27 -3.57 30.52
C ARG A 313 -14.08 -3.76 31.80
N GLU A 314 -13.49 -4.46 32.77
CA GLU A 314 -14.16 -4.70 34.05
C GLU A 314 -14.51 -3.40 34.73
N GLN A 315 -13.52 -2.52 34.83
CA GLN A 315 -13.68 -1.23 35.48
C GLN A 315 -14.62 -0.27 34.76
N MSE A 316 -14.58 -0.26 33.43
CA MSE A 316 -15.47 0.61 32.67
C MSE A 316 -16.87 0.00 32.70
O MSE A 316 -17.88 0.72 32.64
CB MSE A 316 -14.97 0.77 31.23
CG MSE A 316 -13.69 1.60 31.11
SE MSE A 316 -13.94 3.38 31.46
CE MSE A 316 -14.67 3.92 29.89
N SER A 317 -16.94 -1.32 32.79
CA SER A 317 -18.22 -2.02 32.86
C SER A 317 -18.88 -1.65 34.18
N ALA A 318 -18.08 -1.66 35.23
CA ALA A 318 -18.58 -1.33 36.57
C ALA A 318 -19.06 0.10 36.62
N ALA A 319 -18.40 0.97 35.85
CA ALA A 319 -18.74 2.39 35.79
C ALA A 319 -20.03 2.67 35.03
N GLY A 320 -20.54 1.66 34.32
CA GLY A 320 -21.78 1.85 33.59
C GLY A 320 -21.70 2.25 32.12
N PHE A 321 -20.51 2.25 31.56
CA PHE A 321 -20.36 2.61 30.15
C PHE A 321 -20.88 1.51 29.24
N THR A 322 -21.29 1.88 28.03
CA THR A 322 -21.76 0.90 27.05
C THR A 322 -20.51 0.53 26.25
N LEU A 323 -20.12 -0.74 26.34
CA LEU A 323 -18.92 -1.23 25.66
C LEU A 323 -19.22 -2.34 24.66
N ALA A 324 -18.69 -2.19 23.45
CA ALA A 324 -18.90 -3.19 22.41
C ALA A 324 -17.84 -4.29 22.55
N GLY A 325 -18.08 -5.41 21.87
CA GLY A 325 -17.13 -6.51 21.87
C GLY A 325 -16.89 -7.27 23.17
N ALA A 326 -15.87 -8.12 23.14
CA ALA A 326 -15.50 -8.93 24.30
C ALA A 326 -14.18 -9.65 24.05
N ASP A 327 -13.44 -9.89 25.12
CA ASP A 327 -12.16 -10.61 25.10
C ASP A 327 -11.04 -10.12 24.18
N HIS A 328 -10.98 -8.82 23.90
CA HIS A 328 -9.92 -8.31 23.03
C HIS A 328 -9.37 -6.97 23.53
N ALA A 329 -8.16 -6.64 23.11
CA ALA A 329 -7.48 -5.40 23.48
C ALA A 329 -8.26 -4.16 23.02
N ILE A 330 -9.09 -4.33 22.00
CA ILE A 330 -9.91 -3.24 21.48
C ILE A 330 -11.17 -3.18 22.33
N ILE A 331 -11.37 -2.05 23.00
CA ILE A 331 -12.54 -1.85 23.85
C ILE A 331 -13.19 -0.53 23.47
N PRO A 332 -14.20 -0.58 22.59
CA PRO A 332 -14.90 0.62 22.14
C PRO A 332 -15.95 1.14 23.12
N VAL A 333 -15.82 2.40 23.52
CA VAL A 333 -16.78 3.03 24.42
C VAL A 333 -17.80 3.69 23.49
N MSE A 334 -19.02 3.17 23.48
CA MSE A 334 -20.09 3.69 22.62
C MSE A 334 -20.67 5.02 23.11
O MSE A 334 -21.01 5.17 24.28
CB MSE A 334 -21.20 2.63 22.47
CG MSE A 334 -20.71 1.26 22.00
SE MSE A 334 -19.83 1.28 20.38
CE MSE A 334 -18.24 1.65 20.91
N LEU A 335 -20.77 5.98 22.19
CA LEU A 335 -21.27 7.32 22.52
C LEU A 335 -22.37 7.86 21.62
N GLY A 336 -22.54 7.27 20.44
CA GLY A 336 -23.58 7.72 19.52
C GLY A 336 -23.32 8.97 18.70
N ASP A 337 -23.47 10.13 19.32
CA ASP A 337 -23.27 11.41 18.64
C ASP A 337 -21.79 11.74 18.43
N ALA A 338 -21.47 12.17 17.21
CA ALA A 338 -20.10 12.52 16.86
C ALA A 338 -19.56 13.72 17.62
N VAL A 339 -20.41 14.73 17.82
CA VAL A 339 -20.00 15.93 18.54
C VAL A 339 -19.62 15.59 19.99
N VAL A 340 -20.39 14.71 20.62
CA VAL A 340 -20.11 14.30 21.99
C VAL A 340 -18.80 13.49 22.03
N ALA A 341 -18.60 12.64 21.04
CA ALA A 341 -17.40 11.81 20.97
C ALA A 341 -16.14 12.68 20.88
N GLN A 342 -16.19 13.70 20.03
CA GLN A 342 -15.06 14.62 19.85
C GLN A 342 -14.78 15.39 21.13
N LYS A 343 -15.87 15.84 21.76
CA LYS A 343 -15.78 16.60 23.01
C LYS A 343 -15.19 15.74 24.11
N PHE A 344 -15.70 14.53 24.24
CA PHE A 344 -15.25 13.58 25.24
C PHE A 344 -13.74 13.37 25.10
N ALA A 345 -13.29 13.18 23.86
CA ALA A 345 -11.87 12.96 23.57
C ALA A 345 -11.02 14.16 23.93
N ARG A 346 -11.47 15.36 23.56
CA ARG A 346 -10.72 16.56 23.88
C ARG A 346 -10.64 16.78 25.40
N GLU A 347 -11.73 16.51 26.10
CA GLU A 347 -11.77 16.67 27.56
C GLU A 347 -10.81 15.67 28.20
N LEU A 348 -10.79 14.44 27.67
CA LEU A 348 -9.89 13.41 28.19
C LEU A 348 -8.44 13.84 28.03
N GLN A 349 -8.11 14.52 26.94
CA GLN A 349 -6.74 14.95 26.74
C GLN A 349 -6.32 15.96 27.80
N LYS A 350 -7.25 16.78 28.25
CA LYS A 350 -6.94 17.77 29.29
C LYS A 350 -6.60 17.03 30.58
N GLU A 351 -7.08 15.81 30.70
CA GLU A 351 -6.84 14.99 31.89
C GLU A 351 -5.66 14.04 31.70
N GLY A 352 -4.86 14.27 30.66
CA GLY A 352 -3.70 13.45 30.40
C GLY A 352 -3.95 12.12 29.70
N ILE A 353 -5.14 11.94 29.14
CA ILE A 353 -5.49 10.70 28.46
C ILE A 353 -5.69 10.95 26.98
N TYR A 354 -4.91 10.27 26.15
CA TYR A 354 -5.00 10.45 24.70
C TYR A 354 -5.80 9.36 24.00
N VAL A 355 -6.98 9.74 23.53
CA VAL A 355 -7.86 8.84 22.80
C VAL A 355 -8.44 9.60 21.63
N THR A 356 -9.03 8.88 20.68
CA THR A 356 -9.59 9.53 19.50
C THR A 356 -11.06 9.19 19.32
N GLY A 357 -11.83 10.15 18.83
CA GLY A 357 -13.23 9.92 18.60
C GLY A 357 -13.39 9.26 17.24
N PHE A 358 -14.31 8.31 17.14
CA PHE A 358 -14.56 7.62 15.88
C PHE A 358 -15.99 7.93 15.44
N PHE A 359 -16.14 8.32 14.18
CA PHE A 359 -17.44 8.65 13.65
C PHE A 359 -17.46 8.50 12.13
N TYR A 360 -18.63 8.72 11.55
CA TYR A 360 -18.81 8.59 10.12
C TYR A 360 -17.66 9.24 9.34
N PRO A 361 -17.12 8.54 8.32
CA PRO A 361 -17.51 7.21 7.82
C PRO A 361 -16.79 5.99 8.39
N VAL A 362 -15.87 6.19 9.33
CA VAL A 362 -15.14 5.05 9.89
C VAL A 362 -16.09 4.11 10.65
N VAL A 363 -17.18 4.70 11.16
CA VAL A 363 -18.24 3.94 11.84
C VAL A 363 -19.55 4.65 11.45
N PRO A 364 -20.68 3.94 11.53
CA PRO A 364 -22.00 4.51 11.17
C PRO A 364 -22.44 5.75 11.94
N LYS A 365 -23.23 6.59 11.27
CA LYS A 365 -23.76 7.78 11.93
C LYS A 365 -24.63 7.24 13.06
N GLY A 366 -24.64 7.92 14.20
CA GLY A 366 -25.45 7.46 15.30
C GLY A 366 -24.76 6.40 16.15
N GLN A 367 -23.62 5.91 15.69
CA GLN A 367 -22.87 4.90 16.43
C GLN A 367 -21.44 5.35 16.69
N ALA A 368 -21.25 6.65 16.92
CA ALA A 368 -19.93 7.19 17.20
C ALA A 368 -19.38 6.51 18.45
N ARG A 369 -18.06 6.52 18.60
CA ARG A 369 -17.46 5.87 19.74
C ARG A 369 -16.02 6.31 19.93
N ILE A 370 -15.44 5.90 21.06
CA ILE A 370 -14.04 6.17 21.35
C ILE A 370 -13.46 4.77 21.47
N ARG A 371 -12.74 4.35 20.43
CA ARG A 371 -12.16 3.01 20.43
C ARG A 371 -10.84 3.03 21.18
N THR A 372 -10.84 2.47 22.39
CA THR A 372 -9.62 2.42 23.17
C THR A 372 -8.91 1.13 22.76
N GLN A 373 -7.61 1.10 22.97
CA GLN A 373 -6.81 -0.06 22.64
C GLN A 373 -5.75 -0.21 23.71
N MSE A 374 -5.77 -1.34 24.41
CA MSE A 374 -4.80 -1.59 25.45
C MSE A 374 -3.51 -2.08 24.81
O MSE A 374 -3.51 -2.56 23.67
CB MSE A 374 -5.33 -2.63 26.45
CG MSE A 374 -6.62 -2.25 27.18
SE MSE A 374 -6.51 -0.68 28.11
CE MSE A 374 -7.52 0.40 27.06
N SER A 375 -2.42 -1.93 25.54
CA SER A 375 -1.10 -2.37 25.09
C SER A 375 -0.41 -3.10 26.24
N ALA A 376 0.52 -3.98 25.91
CA ALA A 376 1.26 -4.71 26.94
C ALA A 376 2.06 -3.71 27.77
N ALA A 377 2.34 -2.54 27.20
CA ALA A 377 3.12 -1.51 27.87
C ALA A 377 2.38 -0.75 28.97
N HIS A 378 1.05 -0.71 28.90
CA HIS A 378 0.27 0.00 29.90
C HIS A 378 0.45 -0.64 31.27
N THR A 379 0.38 0.19 32.31
CA THR A 379 0.51 -0.30 33.68
C THR A 379 -0.87 -0.26 34.32
N PRO A 380 -1.09 -1.03 35.39
CA PRO A 380 -2.38 -1.04 36.07
C PRO A 380 -2.74 0.37 36.53
N GLU A 381 -1.71 1.13 36.90
CA GLU A 381 -1.88 2.51 37.37
C GLU A 381 -2.44 3.44 36.29
N GLN A 382 -1.89 3.34 35.07
CA GLN A 382 -2.35 4.16 33.98
C GLN A 382 -3.79 3.86 33.63
N ILE A 383 -4.14 2.58 33.66
CA ILE A 383 -5.50 2.14 33.34
C ILE A 383 -6.52 2.65 34.36
N THR A 384 -6.15 2.58 35.64
CA THR A 384 -7.03 3.06 36.71
C THR A 384 -7.24 4.55 36.50
N ARG A 385 -6.17 5.23 36.13
CA ARG A 385 -6.19 6.67 35.90
C ARG A 385 -7.09 7.01 34.71
N ALA A 386 -7.01 6.21 33.66
CA ALA A 386 -7.83 6.42 32.48
C ALA A 386 -9.30 6.25 32.85
N VAL A 387 -9.59 5.19 33.61
CA VAL A 387 -10.95 4.91 34.03
C VAL A 387 -11.52 6.04 34.86
N GLU A 388 -10.74 6.56 35.79
CA GLU A 388 -11.21 7.65 36.63
C GLU A 388 -11.51 8.88 35.77
N ALA A 389 -10.68 9.12 34.74
CA ALA A 389 -10.89 10.26 33.85
C ALA A 389 -12.15 10.06 33.02
N PHE A 390 -12.30 8.88 32.41
CA PHE A 390 -13.49 8.59 31.60
C PHE A 390 -14.76 8.80 32.44
N THR A 391 -14.75 8.23 33.64
CA THR A 391 -15.87 8.32 34.57
C THR A 391 -16.25 9.76 34.90
N ARG A 392 -15.27 10.55 35.28
CA ARG A 392 -15.49 11.95 35.63
C ARG A 392 -16.14 12.71 34.47
N ILE A 393 -15.52 12.63 33.30
CA ILE A 393 -16.02 13.32 32.11
C ILE A 393 -17.34 12.72 31.62
N GLY A 394 -17.48 11.41 31.73
CA GLY A 394 -18.71 10.77 31.29
C GLY A 394 -19.88 11.29 32.08
N LYS A 395 -19.67 11.50 33.38
CA LYS A 395 -20.71 12.02 34.27
C LYS A 395 -21.06 13.46 33.92
N GLN A 396 -20.04 14.27 33.62
CA GLN A 396 -20.25 15.67 33.29
C GLN A 396 -20.97 15.85 31.96
N LEU A 397 -20.72 14.96 31.00
CA LEU A 397 -21.36 15.04 29.69
C LEU A 397 -22.70 14.31 29.58
N GLY A 398 -23.15 13.72 30.68
CA GLY A 398 -24.42 13.02 30.67
C GLY A 398 -24.38 11.67 29.96
N VAL A 399 -23.18 11.11 29.80
CA VAL A 399 -23.02 9.82 29.15
C VAL A 399 -23.38 8.69 30.11
N ILE A 400 -23.01 8.87 31.38
CA ILE A 400 -23.32 7.89 32.42
C ILE A 400 -23.89 8.64 33.62
N ALA A 401 -24.68 7.96 34.43
CA ALA A 401 -25.27 8.56 35.62
C ALA A 401 -24.23 8.74 36.72
N GLY B 1 -18.81 -31.62 1.37
CA GLY B 1 -17.90 -32.21 0.34
C GLY B 1 -16.71 -31.32 0.05
N SER B 2 -15.76 -31.82 -0.75
CA SER B 2 -14.57 -31.04 -1.06
C SER B 2 -14.16 -31.02 -2.54
N HIS B 3 -15.08 -31.38 -3.43
CA HIS B 3 -14.80 -31.40 -4.86
C HIS B 3 -14.38 -30.03 -5.41
N MSE B 4 -15.13 -29.00 -5.04
CA MSE B 4 -14.84 -27.66 -5.51
C MSE B 4 -13.55 -27.06 -4.96
O MSE B 4 -12.81 -26.39 -5.68
CB MSE B 4 -16.02 -26.72 -5.22
CG MSE B 4 -17.25 -27.00 -6.10
SE MSE B 4 -16.91 -26.93 -7.89
CE MSE B 4 -16.47 -28.65 -8.21
N ARG B 5 -13.26 -27.29 -3.68
CA ARG B 5 -12.03 -26.78 -3.10
C ARG B 5 -10.86 -27.53 -3.72
N GLY B 6 -11.05 -28.84 -3.93
CA GLY B 6 -10.01 -29.64 -4.53
C GLY B 6 -9.73 -29.15 -5.94
N GLU B 7 -10.78 -28.80 -6.67
CA GLU B 7 -10.63 -28.30 -8.04
C GLU B 7 -9.93 -26.95 -8.03
N PHE B 8 -10.26 -26.10 -7.06
CA PHE B 8 -9.65 -24.79 -6.93
C PHE B 8 -8.12 -24.93 -6.89
N TYR B 9 -7.63 -25.77 -6.00
CA TYR B 9 -6.18 -25.96 -5.88
C TYR B 9 -5.56 -26.66 -7.08
N GLN B 10 -6.27 -27.62 -7.67
CA GLN B 10 -5.72 -28.32 -8.84
C GLN B 10 -5.56 -27.35 -10.01
N GLN B 11 -6.59 -26.54 -10.24
CA GLN B 11 -6.56 -25.58 -11.34
C GLN B 11 -5.43 -24.57 -11.19
N LEU B 12 -5.15 -24.16 -9.94
CA LEU B 12 -4.05 -23.22 -9.71
C LEU B 12 -2.75 -23.90 -10.12
N THR B 13 -2.60 -25.17 -9.74
CA THR B 13 -1.41 -25.92 -10.09
C THR B 13 -1.32 -26.05 -11.61
N ASN B 14 -2.46 -26.29 -12.25
CA ASN B 14 -2.47 -26.41 -13.70
C ASN B 14 -2.11 -25.07 -14.34
N ASP B 15 -2.66 -23.98 -13.78
CA ASP B 15 -2.38 -22.64 -14.29
C ASP B 15 -0.88 -22.33 -14.21
N LEU B 16 -0.25 -22.71 -13.09
CA LEU B 16 1.18 -22.47 -12.88
C LEU B 16 2.00 -23.23 -13.94
N GLU B 17 1.69 -24.50 -14.11
CA GLU B 17 2.39 -25.34 -15.07
C GLU B 17 2.23 -24.80 -16.49
N THR B 18 1.03 -24.35 -16.82
CA THR B 18 0.76 -23.80 -18.14
C THR B 18 1.55 -22.50 -18.33
N ALA B 19 1.65 -21.73 -17.26
CA ALA B 19 2.39 -20.47 -17.33
C ALA B 19 3.86 -20.69 -17.64
N ARG B 20 4.53 -21.62 -16.95
CA ARG B 20 5.94 -21.81 -17.27
C ARG B 20 6.14 -22.43 -18.64
N ALA B 21 5.21 -23.27 -19.09
CA ALA B 21 5.32 -23.90 -20.39
C ALA B 21 5.31 -22.83 -21.48
N GLU B 22 4.57 -21.75 -21.22
CA GLU B 22 4.46 -20.68 -22.21
C GLU B 22 5.46 -19.53 -22.00
N GLY B 23 6.44 -19.74 -21.12
CA GLY B 23 7.45 -18.73 -20.85
C GLY B 23 6.94 -17.51 -20.10
N LEU B 24 5.83 -17.70 -19.39
CA LEU B 24 5.21 -16.61 -18.63
C LEU B 24 5.39 -16.72 -17.11
N PHE B 25 6.25 -17.62 -16.66
CA PHE B 25 6.48 -17.77 -15.23
C PHE B 25 7.67 -16.93 -14.80
N LYS B 26 7.43 -16.00 -13.89
CA LYS B 26 8.48 -15.13 -13.39
C LYS B 26 9.22 -15.78 -12.22
N GLU B 27 10.52 -15.95 -12.39
CA GLU B 27 11.34 -16.52 -11.33
C GLU B 27 12.01 -15.32 -10.64
N GLU B 28 12.10 -15.35 -9.33
CA GLU B 28 12.75 -14.26 -8.62
C GLU B 28 14.20 -14.65 -8.38
N ARG B 29 15.10 -13.70 -8.59
CA ARG B 29 16.53 -13.92 -8.40
C ARG B 29 16.95 -13.21 -7.12
N ILE B 30 17.48 -13.98 -6.18
CA ILE B 30 17.90 -13.44 -4.90
C ILE B 30 19.15 -12.58 -5.00
N ILE B 31 19.02 -11.37 -4.47
CA ILE B 31 20.10 -10.40 -4.42
C ILE B 31 20.56 -10.34 -2.96
N THR B 32 21.86 -10.42 -2.73
CA THR B 32 22.40 -10.41 -1.38
C THR B 32 23.02 -9.09 -0.96
N SER B 33 23.15 -8.15 -1.90
CA SER B 33 23.74 -6.85 -1.59
C SER B 33 22.67 -5.77 -1.56
N ALA B 34 23.08 -4.56 -1.20
CA ALA B 34 22.14 -3.43 -1.19
C ALA B 34 21.88 -3.11 -2.66
N GLN B 35 20.81 -2.36 -2.93
CA GLN B 35 20.47 -1.98 -4.29
C GLN B 35 21.46 -0.96 -4.82
N GLN B 36 22.01 -1.23 -6.01
CA GLN B 36 22.99 -0.36 -6.62
C GLN B 36 23.31 -0.85 -8.03
N ALA B 37 24.28 -0.20 -8.68
CA ALA B 37 24.68 -0.57 -10.04
C ALA B 37 25.32 -1.97 -10.05
N ASP B 38 26.32 -2.15 -9.19
CA ASP B 38 27.04 -3.43 -9.09
C ASP B 38 26.45 -4.21 -7.92
N ILE B 39 25.54 -5.13 -8.21
CA ILE B 39 24.91 -5.92 -7.17
C ILE B 39 25.51 -7.33 -7.07
N THR B 40 25.26 -7.98 -5.94
CA THR B 40 25.73 -9.34 -5.69
C THR B 40 24.52 -10.26 -5.62
N VAL B 41 24.62 -11.43 -6.26
CA VAL B 41 23.51 -12.38 -6.23
C VAL B 41 23.86 -13.57 -5.34
N ALA B 42 22.88 -14.44 -5.13
CA ALA B 42 23.01 -15.62 -4.28
C ALA B 42 24.35 -16.38 -4.30
N ASP B 43 24.86 -16.69 -5.49
CA ASP B 43 26.11 -17.44 -5.57
C ASP B 43 27.35 -16.60 -5.31
N GLY B 44 27.15 -15.33 -4.96
CA GLY B 44 28.27 -14.44 -4.68
C GLY B 44 28.85 -13.68 -5.86
N SER B 45 28.37 -13.95 -7.07
CA SER B 45 28.89 -13.26 -8.24
C SER B 45 28.34 -11.84 -8.35
N HIS B 46 29.08 -10.98 -9.06
CA HIS B 46 28.70 -9.59 -9.27
C HIS B 46 28.18 -9.36 -10.68
N VAL B 47 27.10 -8.59 -10.79
CA VAL B 47 26.52 -8.28 -12.09
C VAL B 47 26.03 -6.84 -12.07
N ILE B 48 25.99 -6.22 -13.24
CA ILE B 48 25.56 -4.84 -13.34
C ILE B 48 24.05 -4.76 -13.58
N ASN B 49 23.37 -4.09 -12.65
CA ASN B 49 21.93 -3.95 -12.68
C ASN B 49 21.43 -2.83 -13.58
N PHE B 50 20.73 -3.20 -14.65
CA PHE B 50 20.18 -2.22 -15.58
C PHE B 50 18.65 -2.27 -15.63
N CYS B 51 18.02 -2.58 -14.50
CA CYS B 51 16.56 -2.64 -14.47
C CYS B 51 15.96 -2.25 -13.13
N ALA B 52 16.47 -1.17 -12.53
CA ALA B 52 15.95 -0.70 -11.24
C ALA B 52 15.33 0.69 -11.40
N ASN B 53 14.45 1.08 -10.46
CA ASN B 53 13.83 2.41 -10.50
C ASN B 53 14.75 3.34 -9.71
N ASN B 54 16.00 2.90 -9.55
CA ASN B 54 17.00 3.64 -8.79
C ASN B 54 17.64 4.70 -9.68
N TYR B 55 16.79 5.50 -10.32
CA TYR B 55 17.22 6.54 -11.26
C TYR B 55 18.37 7.45 -10.87
N LEU B 56 18.42 7.89 -9.61
CA LEU B 56 19.48 8.78 -9.16
C LEU B 56 20.55 8.06 -8.35
N GLY B 57 20.43 6.73 -8.25
CA GLY B 57 21.40 5.93 -7.50
C GLY B 57 21.42 6.22 -6.01
N LEU B 58 20.26 6.58 -5.46
CA LEU B 58 20.17 6.90 -4.04
C LEU B 58 19.68 5.79 -3.12
N ALA B 59 19.30 4.65 -3.70
CA ALA B 59 18.78 3.51 -2.94
C ALA B 59 19.69 3.01 -1.81
N ASN B 60 20.98 3.25 -1.94
CA ASN B 60 21.92 2.81 -0.91
C ASN B 60 22.82 3.97 -0.49
N HIS B 61 22.31 5.18 -0.66
CA HIS B 61 23.10 6.36 -0.32
C HIS B 61 23.28 6.55 1.18
N PRO B 62 24.53 6.75 1.62
CA PRO B 62 24.83 6.95 3.04
C PRO B 62 24.07 8.10 3.73
N ASP B 63 23.76 9.16 2.99
CA ASP B 63 23.03 10.29 3.57
C ASP B 63 21.59 9.91 3.92
N LEU B 64 20.97 9.08 3.09
CA LEU B 64 19.60 8.65 3.36
C LEU B 64 19.58 7.65 4.49
N ILE B 65 20.57 6.75 4.51
CA ILE B 65 20.65 5.78 5.58
C ILE B 65 20.83 6.50 6.91
N ALA B 66 21.70 7.51 6.92
CA ALA B 66 21.95 8.28 8.13
C ALA B 66 20.67 9.00 8.57
N ALA B 67 19.96 9.59 7.62
CA ALA B 67 18.73 10.31 7.93
C ALA B 67 17.68 9.34 8.49
N ALA B 68 17.61 8.15 7.90
CA ALA B 68 16.65 7.14 8.33
C ALA B 68 16.96 6.73 9.78
N LYS B 69 18.23 6.54 10.08
CA LYS B 69 18.66 6.15 11.42
C LYS B 69 18.32 7.22 12.45
N ALA B 70 18.63 8.48 12.12
CA ALA B 70 18.33 9.60 13.01
C ALA B 70 16.82 9.68 13.22
N GLY B 71 16.06 9.44 12.16
CA GLY B 71 14.61 9.49 12.25
C GLY B 71 14.09 8.49 13.27
N MSE B 72 14.65 7.28 13.27
CA MSE B 72 14.22 6.26 14.23
C MSE B 72 14.65 6.59 15.66
O MSE B 72 13.92 6.32 16.61
CB MSE B 72 14.77 4.88 13.81
CG MSE B 72 14.14 4.34 12.53
SE MSE B 72 14.52 2.57 12.20
CE MSE B 72 16.28 2.65 11.94
N ASP B 73 15.84 7.18 15.80
CA ASP B 73 16.34 7.54 17.13
C ASP B 73 15.46 8.56 17.82
N SER B 74 14.86 9.45 17.04
CA SER B 74 14.00 10.49 17.61
C SER B 74 12.49 10.23 17.45
N HIS B 75 12.09 9.52 16.41
CA HIS B 75 10.67 9.27 16.19
C HIS B 75 10.21 7.81 16.25
N GLY B 76 11.11 6.90 16.57
CA GLY B 76 10.75 5.50 16.69
C GLY B 76 10.80 4.67 15.43
N PHE B 77 10.42 3.40 15.56
CA PHE B 77 10.43 2.46 14.44
C PHE B 77 9.14 2.49 13.63
N GLY B 78 7.99 2.44 14.32
CA GLY B 78 6.73 2.46 13.61
C GLY B 78 5.67 3.31 14.29
N MSE B 79 4.66 3.71 13.53
CA MSE B 79 3.58 4.53 14.09
C MSE B 79 2.47 3.63 14.67
O MSE B 79 1.74 4.04 15.57
CB MSE B 79 2.98 5.44 13.03
CG MSE B 79 3.93 6.51 12.50
SE MSE B 79 4.83 7.41 13.82
CE MSE B 79 3.47 7.94 14.90
N ALA B 80 2.35 2.41 14.16
CA ALA B 80 1.33 1.49 14.63
C ALA B 80 -0.02 2.20 14.71
N SER B 81 -0.31 3.00 13.69
CA SER B 81 -1.58 3.72 13.66
C SER B 81 -1.80 4.45 12.34
N VAL B 82 -3.06 4.64 11.97
CA VAL B 82 -3.40 5.38 10.78
C VAL B 82 -3.25 6.84 11.21
N ARG B 83 -3.17 7.75 10.24
CA ARG B 83 -2.98 9.16 10.54
C ARG B 83 -3.94 9.89 11.47
N PHE B 84 -5.25 9.67 11.34
CA PHE B 84 -6.19 10.40 12.19
C PHE B 84 -6.26 10.02 13.66
N ILE B 85 -5.75 8.84 14.01
CA ILE B 85 -5.79 8.40 15.40
C ILE B 85 -4.53 8.86 16.13
N CYS B 86 -3.44 8.15 15.98
CA CYS B 86 -2.19 8.56 16.62
C CYS B 86 -0.98 8.25 15.72
N GLY B 87 -1.16 8.43 14.43
CA GLY B 87 -0.10 8.15 13.48
C GLY B 87 0.52 9.38 12.83
N THR B 88 0.17 10.57 13.32
CA THR B 88 0.71 11.81 12.78
C THR B 88 1.77 12.44 13.67
N GLN B 89 3.01 12.49 13.20
CA GLN B 89 4.09 13.11 13.96
C GLN B 89 4.40 14.44 13.26
N ASP B 90 5.13 15.32 13.92
CA ASP B 90 5.49 16.59 13.32
C ASP B 90 6.21 16.37 11.98
N SER B 91 7.00 15.30 11.90
CA SER B 91 7.76 14.99 10.70
C SER B 91 6.90 14.65 9.47
N HIS B 92 5.76 14.02 9.71
CA HIS B 92 4.84 13.69 8.61
C HIS B 92 4.36 14.99 7.96
N LYS B 93 4.00 15.96 8.81
CA LYS B 93 3.54 17.25 8.32
C LYS B 93 4.66 17.98 7.61
N GLU B 94 5.87 17.87 8.15
CA GLU B 94 7.03 18.53 7.55
C GLU B 94 7.27 17.99 6.13
N LEU B 95 7.21 16.67 5.99
CA LEU B 95 7.43 16.06 4.68
C LEU B 95 6.34 16.47 3.68
N GLU B 96 5.10 16.50 4.14
CA GLU B 96 4.00 16.88 3.27
C GLU B 96 4.16 18.33 2.81
N GLN B 97 4.64 19.19 3.71
CA GLN B 97 4.83 20.59 3.37
C GLN B 97 5.98 20.73 2.37
N LYS B 98 7.04 19.94 2.55
CA LYS B 98 8.19 19.97 1.67
C LYS B 98 7.83 19.43 0.28
N LEU B 99 7.04 18.36 0.25
CA LEU B 99 6.61 17.77 -1.01
C LEU B 99 5.77 18.74 -1.81
N ALA B 100 4.79 19.36 -1.14
CA ALA B 100 3.89 20.32 -1.78
C ALA B 100 4.66 21.45 -2.41
N ALA B 101 5.57 22.05 -1.64
CA ALA B 101 6.39 23.15 -2.14
C ALA B 101 7.25 22.70 -3.32
N PHE B 102 7.88 21.54 -3.18
CA PHE B 102 8.75 21.00 -4.24
C PHE B 102 7.99 20.84 -5.55
N LEU B 103 6.80 20.24 -5.47
CA LEU B 103 5.97 19.99 -6.64
C LEU B 103 5.22 21.22 -7.16
N GLY B 104 5.20 22.29 -6.38
CA GLY B 104 4.49 23.49 -6.79
C GLY B 104 3.00 23.32 -6.59
N MSE B 105 2.63 22.72 -5.46
CA MSE B 105 1.22 22.49 -5.15
C MSE B 105 0.93 23.05 -3.76
O MSE B 105 1.86 23.37 -3.00
CB MSE B 105 0.90 20.99 -5.22
CG MSE B 105 1.18 20.38 -6.59
SE MSE B 105 0.08 21.02 -7.93
CE MSE B 105 -1.12 19.66 -8.05
N GLU B 106 -0.35 23.14 -3.40
CA GLU B 106 -0.75 23.69 -2.12
C GLU B 106 -0.55 22.77 -0.92
N ASP B 107 -0.76 21.47 -1.11
CA ASP B 107 -0.59 20.54 -0.01
C ASP B 107 -0.36 19.14 -0.57
N ALA B 108 -0.03 18.21 0.32
CA ALA B 108 0.22 16.83 -0.07
C ALA B 108 -0.21 15.91 1.05
N ILE B 109 -0.65 14.71 0.70
CA ILE B 109 -1.10 13.72 1.67
C ILE B 109 -0.35 12.43 1.41
N LEU B 110 0.27 11.88 2.45
CA LEU B 110 1.07 10.66 2.36
C LEU B 110 0.28 9.36 2.42
N TYR B 111 0.78 8.38 1.66
CA TYR B 111 0.23 7.03 1.61
C TYR B 111 1.43 6.08 1.71
N SER B 112 1.18 4.79 1.92
CA SER B 112 2.28 3.84 2.03
C SER B 112 2.87 3.48 0.67
N SER B 113 2.20 3.89 -0.40
CA SER B 113 2.66 3.63 -1.76
C SER B 113 1.85 4.47 -2.74
N CYS B 114 2.37 4.65 -3.95
CA CYS B 114 1.64 5.42 -4.95
C CYS B 114 0.48 4.56 -5.46
N PHE B 115 0.63 3.24 -5.34
CA PHE B 115 -0.42 2.32 -5.78
C PHE B 115 -1.66 2.65 -4.97
N ASP B 116 -1.47 2.92 -3.68
CA ASP B 116 -2.60 3.25 -2.80
C ASP B 116 -3.06 4.71 -2.92
N ALA B 117 -2.15 5.61 -3.28
CA ALA B 117 -2.53 7.01 -3.44
C ALA B 117 -3.52 7.06 -4.60
N ASN B 118 -3.21 6.32 -5.66
CA ASN B 118 -4.09 6.26 -6.82
C ASN B 118 -5.36 5.53 -6.44
N GLY B 119 -5.20 4.42 -5.73
CA GLY B 119 -6.34 3.62 -5.31
C GLY B 119 -7.33 4.39 -4.46
N GLY B 120 -6.82 5.29 -3.64
CA GLY B 120 -7.69 6.07 -2.78
C GLY B 120 -7.99 7.47 -3.27
N LEU B 121 -7.76 7.72 -4.56
CA LEU B 121 -7.99 9.04 -5.11
C LEU B 121 -9.37 9.29 -5.71
N PHE B 122 -9.62 8.63 -6.84
CA PHE B 122 -10.85 8.78 -7.62
C PHE B 122 -12.18 8.59 -6.90
N GLU B 123 -12.35 7.45 -6.24
CA GLU B 123 -13.59 7.16 -5.54
C GLU B 123 -13.97 8.26 -4.55
N THR B 124 -12.96 8.87 -3.94
CA THR B 124 -13.15 9.91 -2.94
C THR B 124 -13.61 11.25 -3.49
N LEU B 125 -13.23 11.55 -4.73
CA LEU B 125 -13.56 12.83 -5.33
C LEU B 125 -14.65 12.87 -6.41
N LEU B 126 -14.90 11.74 -7.06
CA LEU B 126 -15.90 11.70 -8.13
C LEU B 126 -16.95 10.62 -7.90
N GLY B 127 -18.11 10.78 -8.54
CA GLY B 127 -19.20 9.83 -8.40
C GLY B 127 -19.90 9.46 -9.70
N ALA B 128 -21.04 8.78 -9.57
CA ALA B 128 -21.82 8.32 -10.72
C ALA B 128 -22.19 9.40 -11.73
N GLU B 129 -22.31 10.65 -11.30
CA GLU B 129 -22.66 11.71 -12.23
C GLU B 129 -21.44 12.33 -12.92
N ASP B 130 -20.26 11.83 -12.60
CA ASP B 130 -19.04 12.36 -13.20
C ASP B 130 -18.44 11.42 -14.25
N ALA B 131 -17.30 11.82 -14.82
CA ALA B 131 -16.64 11.01 -15.81
C ALA B 131 -15.12 11.06 -15.70
N ILE B 132 -14.49 9.94 -16.02
CA ILE B 132 -13.03 9.84 -16.00
C ILE B 132 -12.59 9.34 -17.37
N ILE B 133 -11.72 10.10 -18.00
CA ILE B 133 -11.21 9.78 -19.33
C ILE B 133 -9.74 9.40 -19.15
N SER B 134 -9.43 8.14 -19.43
CA SER B 134 -8.08 7.63 -19.22
C SER B 134 -7.30 7.28 -20.48
N ASP B 135 -5.99 7.51 -20.40
CA ASP B 135 -5.09 7.18 -21.49
C ASP B 135 -5.06 5.65 -21.42
N ALA B 136 -5.20 4.98 -22.55
CA ALA B 136 -5.23 3.52 -22.61
C ALA B 136 -4.02 2.81 -22.00
N LEU B 137 -2.88 3.47 -21.99
CA LEU B 137 -1.65 2.87 -21.47
C LEU B 137 -1.39 3.13 -19.98
N ASN B 138 -2.40 3.64 -19.28
CA ASN B 138 -2.25 3.94 -17.85
C ASN B 138 -1.83 2.74 -17.01
N HIS B 139 -1.09 3.04 -15.94
CA HIS B 139 -0.60 2.02 -15.03
C HIS B 139 -1.75 1.30 -14.30
N ALA B 140 -1.50 0.05 -13.93
CA ALA B 140 -2.50 -0.76 -13.22
C ALA B 140 -3.07 -0.05 -11.98
N SER B 141 -2.23 0.68 -11.25
CA SER B 141 -2.69 1.37 -10.05
C SER B 141 -3.72 2.46 -10.35
N ILE B 142 -3.60 3.13 -11.48
CA ILE B 142 -4.58 4.16 -11.84
C ILE B 142 -5.87 3.43 -12.21
N ILE B 143 -5.73 2.41 -13.05
CA ILE B 143 -6.86 1.60 -13.49
C ILE B 143 -7.67 1.07 -12.31
N ASP B 144 -6.98 0.51 -11.32
CA ASP B 144 -7.67 -0.05 -10.15
C ASP B 144 -8.28 1.04 -9.28
N GLY B 145 -7.70 2.24 -9.32
CA GLY B 145 -8.27 3.33 -8.56
C GLY B 145 -9.56 3.76 -9.25
N VAL B 146 -9.52 3.82 -10.58
CA VAL B 146 -10.69 4.20 -11.38
C VAL B 146 -11.79 3.15 -11.27
N ARG B 147 -11.41 1.88 -11.16
CA ARG B 147 -12.38 0.79 -11.04
C ARG B 147 -13.22 0.88 -9.76
N LEU B 148 -12.69 1.54 -8.75
CA LEU B 148 -13.39 1.69 -7.47
C LEU B 148 -14.29 2.93 -7.46
N CYS B 149 -14.16 3.74 -8.49
CA CYS B 149 -14.94 4.96 -8.63
C CYS B 149 -16.21 4.68 -9.44
N LYS B 150 -17.30 5.37 -9.09
CA LYS B 150 -18.57 5.18 -9.79
C LYS B 150 -18.72 6.01 -11.06
N ALA B 151 -17.75 6.88 -11.34
CA ALA B 151 -17.78 7.72 -12.53
C ALA B 151 -17.78 6.92 -13.83
N LYS B 152 -18.39 7.49 -14.86
CA LYS B 152 -18.45 6.85 -16.18
C LYS B 152 -17.03 6.87 -16.76
N ARG B 153 -16.59 5.75 -17.34
CA ARG B 153 -15.25 5.66 -17.89
C ARG B 153 -15.13 5.76 -19.40
N TYR B 154 -14.11 6.47 -19.87
CA TYR B 154 -13.83 6.64 -21.29
C TYR B 154 -12.32 6.45 -21.47
N ARG B 155 -11.92 5.87 -22.58
CA ARG B 155 -10.52 5.61 -22.84
C ARG B 155 -10.09 6.18 -24.17
N TYR B 156 -8.85 6.67 -24.25
CA TYR B 156 -8.30 7.21 -25.49
C TYR B 156 -6.93 6.60 -25.72
N ALA B 157 -6.62 6.27 -26.97
CA ALA B 157 -5.33 5.66 -27.32
C ALA B 157 -4.19 6.48 -26.74
N ASN B 158 -3.12 5.80 -26.38
CA ASN B 158 -1.95 6.43 -25.79
C ASN B 158 -1.50 7.69 -26.54
N ASN B 159 -1.41 8.80 -25.81
CA ASN B 159 -0.98 10.07 -26.37
C ASN B 159 -1.76 10.56 -27.58
N ASP B 160 -2.97 10.04 -27.77
CA ASP B 160 -3.82 10.43 -28.89
C ASP B 160 -4.73 11.60 -28.52
N MSE B 161 -4.30 12.82 -28.81
CA MSE B 161 -5.07 14.01 -28.50
C MSE B 161 -6.37 14.12 -29.29
O MSE B 161 -7.33 14.74 -28.85
CB MSE B 161 -4.22 15.28 -28.71
CG MSE B 161 -2.95 15.34 -27.87
SE MSE B 161 -3.27 15.25 -26.07
CE MSE B 161 -3.16 13.48 -25.79
N GLN B 162 -6.41 13.52 -30.49
CA GLN B 162 -7.63 13.56 -31.29
C GLN B 162 -8.73 12.78 -30.60
N GLU B 163 -8.40 11.57 -30.16
CA GLU B 163 -9.35 10.72 -29.46
C GLU B 163 -9.65 11.27 -28.07
N LEU B 164 -8.68 11.93 -27.44
CA LEU B 164 -8.92 12.51 -26.12
C LEU B 164 -10.03 13.55 -26.26
N GLU B 165 -9.94 14.39 -27.29
CA GLU B 165 -10.96 15.41 -27.52
C GLU B 165 -12.30 14.76 -27.85
N ALA B 166 -12.26 13.66 -28.59
CA ALA B 166 -13.50 12.96 -28.95
C ALA B 166 -14.22 12.48 -27.71
N ARG B 167 -13.47 11.94 -26.75
CA ARG B 167 -14.07 11.45 -25.51
C ARG B 167 -14.55 12.59 -24.63
N LEU B 168 -13.80 13.70 -24.61
CA LEU B 168 -14.20 14.85 -23.80
C LEU B 168 -15.54 15.35 -24.32
N LYS B 169 -15.69 15.40 -25.64
CA LYS B 169 -16.94 15.84 -26.24
C LYS B 169 -18.04 14.86 -25.84
N GLU B 170 -17.75 13.57 -25.97
CA GLU B 170 -18.70 12.52 -25.63
C GLU B 170 -19.22 12.64 -24.20
N ALA B 171 -18.29 12.74 -23.25
CA ALA B 171 -18.67 12.84 -21.84
C ALA B 171 -19.53 14.06 -21.56
N ARG B 172 -19.09 15.22 -22.02
CA ARG B 172 -19.82 16.46 -21.82
C ARG B 172 -21.19 16.46 -22.47
N GLU B 173 -21.27 15.90 -23.67
CA GLU B 173 -22.54 15.84 -24.40
C GLU B 173 -23.49 14.86 -23.72
N ALA B 174 -22.93 13.87 -23.03
CA ALA B 174 -23.72 12.87 -22.32
C ALA B 174 -24.30 13.45 -21.03
N GLY B 175 -23.83 14.63 -20.64
CA GLY B 175 -24.34 15.27 -19.43
C GLY B 175 -23.49 15.08 -18.19
N ALA B 176 -22.22 14.75 -18.37
CA ALA B 176 -21.32 14.55 -17.24
C ALA B 176 -21.19 15.83 -16.42
N ARG B 177 -21.06 15.69 -15.10
CA ARG B 177 -20.90 16.85 -14.23
C ARG B 177 -19.42 17.21 -14.26
N HIS B 178 -18.65 16.55 -13.39
CA HIS B 178 -17.22 16.79 -13.33
C HIS B 178 -16.55 15.77 -14.23
N VAL B 179 -15.53 16.22 -14.96
CA VAL B 179 -14.79 15.36 -15.86
C VAL B 179 -13.33 15.45 -15.48
N LEU B 180 -12.69 14.30 -15.34
CA LEU B 180 -11.28 14.25 -14.98
C LEU B 180 -10.50 13.42 -15.97
N ILE B 181 -9.36 13.94 -16.41
CA ILE B 181 -8.50 13.23 -17.34
C ILE B 181 -7.38 12.62 -16.51
N ALA B 182 -7.23 11.30 -16.60
CA ALA B 182 -6.20 10.60 -15.83
C ALA B 182 -5.12 10.03 -16.75
N THR B 183 -3.87 10.33 -16.42
CA THR B 183 -2.76 9.86 -17.25
C THR B 183 -1.44 9.71 -16.50
N ASP B 184 -0.63 8.77 -16.96
CA ASP B 184 0.70 8.57 -16.41
C ASP B 184 1.47 9.79 -16.94
N GLY B 185 2.49 10.23 -16.21
CA GLY B 185 3.30 11.35 -16.69
C GLY B 185 4.27 10.70 -17.67
N VAL B 186 4.72 9.51 -17.30
CA VAL B 186 5.63 8.72 -18.11
C VAL B 186 5.09 7.29 -18.07
N PHE B 187 4.83 6.71 -19.23
CA PHE B 187 4.33 5.35 -19.30
C PHE B 187 5.52 4.40 -19.09
N SER B 188 5.52 3.74 -17.93
CA SER B 188 6.61 2.87 -17.48
C SER B 188 7.05 1.62 -18.22
N MSE B 189 6.19 1.00 -19.02
CA MSE B 189 6.62 -0.19 -19.75
C MSE B 189 7.09 0.18 -21.16
O MSE B 189 7.61 -0.67 -21.89
CB MSE B 189 5.49 -1.21 -19.87
CG MSE B 189 5.14 -1.92 -18.58
SE MSE B 189 6.53 -2.79 -17.82
CE MSE B 189 6.10 -2.59 -16.11
N ASP B 190 6.93 1.44 -21.52
CA ASP B 190 7.31 1.90 -22.86
C ASP B 190 8.30 3.07 -22.93
N GLY B 191 8.51 3.76 -21.82
CA GLY B 191 9.44 4.88 -21.82
C GLY B 191 8.93 6.04 -22.67
N VAL B 192 7.63 6.26 -22.61
CA VAL B 192 6.99 7.33 -23.35
C VAL B 192 6.53 8.43 -22.41
N ILE B 193 6.85 9.67 -22.75
CA ILE B 193 6.46 10.81 -21.93
C ILE B 193 5.12 11.33 -22.44
N ALA B 194 4.18 11.55 -21.52
CA ALA B 194 2.86 12.04 -21.89
C ALA B 194 2.90 13.44 -22.50
N ASN B 195 1.91 13.74 -23.33
CA ASN B 195 1.80 15.04 -23.97
C ASN B 195 0.90 15.92 -23.11
N LEU B 196 1.43 16.35 -21.97
CA LEU B 196 0.66 17.17 -21.04
C LEU B 196 0.22 18.53 -21.55
N LYS B 197 0.95 19.11 -22.48
CA LYS B 197 0.55 20.40 -23.04
C LYS B 197 -0.75 20.19 -23.79
N GLY B 198 -0.79 19.13 -24.60
CA GLY B 198 -1.98 18.81 -25.36
C GLY B 198 -3.13 18.44 -24.45
N VAL B 199 -2.83 17.71 -23.39
CA VAL B 199 -3.85 17.30 -22.43
C VAL B 199 -4.46 18.50 -21.71
N CYS B 200 -3.60 19.36 -21.16
CA CYS B 200 -4.08 20.53 -20.43
C CYS B 200 -4.83 21.53 -21.30
N ASP B 201 -4.40 21.71 -22.55
CA ASP B 201 -5.10 22.63 -23.43
C ASP B 201 -6.51 22.10 -23.67
N LEU B 202 -6.64 20.79 -23.84
CA LEU B 202 -7.95 20.18 -24.06
C LEU B 202 -8.80 20.23 -22.78
N ALA B 203 -8.14 20.13 -21.63
CA ALA B 203 -8.84 20.16 -20.35
C ALA B 203 -9.49 21.52 -20.16
N ASP B 204 -8.81 22.58 -20.61
CA ASP B 204 -9.36 23.92 -20.50
C ASP B 204 -10.55 24.08 -21.45
N LYS B 205 -10.41 23.56 -22.66
CA LYS B 205 -11.46 23.65 -23.67
C LYS B 205 -12.75 22.93 -23.25
N TYR B 206 -12.61 21.87 -22.47
CA TYR B 206 -13.79 21.13 -22.04
C TYR B 206 -14.03 21.16 -20.54
N ASP B 207 -13.43 22.14 -19.87
CA ASP B 207 -13.63 22.32 -18.43
C ASP B 207 -13.44 21.00 -17.67
N ALA B 208 -12.26 20.39 -17.83
CA ALA B 208 -11.98 19.13 -17.15
C ALA B 208 -10.76 19.19 -16.26
N LEU B 209 -10.79 18.40 -15.18
CA LEU B 209 -9.67 18.32 -14.24
C LEU B 209 -8.59 17.43 -14.86
N VAL B 210 -7.35 17.58 -14.40
CA VAL B 210 -6.25 16.78 -14.90
C VAL B 210 -5.49 16.13 -13.75
N MSE B 211 -5.27 14.83 -13.87
CA MSE B 211 -4.54 14.05 -12.87
C MSE B 211 -3.36 13.39 -13.55
O MSE B 211 -3.52 12.81 -14.63
CB MSE B 211 -5.45 12.99 -12.25
CG MSE B 211 -4.71 11.94 -11.40
SE MSE B 211 -3.97 10.53 -12.34
CE MSE B 211 -3.31 9.52 -10.97
N VAL B 212 -2.20 13.47 -12.93
CA VAL B 212 -0.99 12.87 -13.47
C VAL B 212 -0.26 12.06 -12.42
N ASP B 213 0.09 10.83 -12.78
CA ASP B 213 0.86 9.95 -11.89
C ASP B 213 2.29 10.12 -12.38
N ASP B 214 3.10 10.83 -11.60
CA ASP B 214 4.49 11.09 -11.98
C ASP B 214 5.53 10.20 -11.31
N SER B 215 5.13 8.98 -10.95
CA SER B 215 6.03 8.03 -10.30
C SER B 215 7.36 7.83 -11.04
N HIS B 216 7.31 7.78 -12.36
CA HIS B 216 8.52 7.59 -13.17
C HIS B 216 9.07 8.88 -13.75
N ALA B 217 8.92 9.97 -13.01
CA ALA B 217 9.42 11.27 -13.48
C ALA B 217 9.87 12.17 -12.34
N VAL B 218 9.14 12.15 -11.23
CA VAL B 218 9.47 13.01 -10.11
C VAL B 218 10.90 12.78 -9.64
N GLY B 219 11.64 13.87 -9.49
CA GLY B 219 13.01 13.77 -9.03
C GLY B 219 14.07 13.83 -10.10
N PHE B 220 13.75 13.44 -11.33
CA PHE B 220 14.75 13.47 -12.39
C PHE B 220 14.30 14.01 -13.74
N VAL B 221 12.99 14.08 -13.98
CA VAL B 221 12.49 14.63 -15.23
C VAL B 221 12.27 16.13 -15.02
N GLY B 222 12.67 16.93 -15.99
CA GLY B 222 12.54 18.38 -15.86
C GLY B 222 13.88 18.98 -15.44
N GLU B 223 14.17 20.19 -15.90
CA GLU B 223 15.44 20.84 -15.57
C GLU B 223 15.70 20.94 -14.07
N ASN B 224 14.63 21.06 -13.30
CA ASN B 224 14.72 21.15 -11.84
C ASN B 224 14.25 19.87 -11.15
N GLY B 225 14.08 18.81 -11.93
CA GLY B 225 13.66 17.52 -11.40
C GLY B 225 12.27 17.45 -10.79
N ARG B 226 11.43 18.43 -11.10
CA ARG B 226 10.07 18.48 -10.56
C ARG B 226 9.13 17.42 -11.12
N GLY B 227 9.34 17.01 -12.37
CA GLY B 227 8.48 16.02 -12.97
C GLY B 227 8.03 16.35 -14.37
N SER B 228 7.03 15.61 -14.87
CA SER B 228 6.54 15.83 -16.23
C SER B 228 5.80 17.16 -16.37
N HIS B 229 5.23 17.68 -15.29
CA HIS B 229 4.54 18.95 -15.42
C HIS B 229 5.54 20.08 -15.68
N GLU B 230 6.76 19.96 -15.16
CA GLU B 230 7.76 20.99 -15.43
C GLU B 230 8.28 20.77 -16.85
N TYR B 231 8.60 19.52 -17.16
CA TYR B 231 9.11 19.15 -18.47
C TYR B 231 8.21 19.57 -19.64
N CYS B 232 6.90 19.38 -19.48
CA CYS B 232 5.94 19.74 -20.53
C CYS B 232 5.49 21.20 -20.44
N ASP B 233 6.08 21.94 -19.51
CA ASP B 233 5.75 23.34 -19.31
C ASP B 233 4.29 23.59 -18.98
N VAL B 234 3.73 22.77 -18.10
CA VAL B 234 2.33 22.93 -17.70
C VAL B 234 2.21 23.01 -16.17
N MSE B 235 3.25 23.49 -15.52
CA MSE B 235 3.23 23.61 -14.05
C MSE B 235 2.03 24.47 -13.65
O MSE B 235 1.79 25.53 -14.23
CB MSE B 235 4.54 24.25 -13.54
CG MSE B 235 5.78 23.37 -13.76
SE MSE B 235 7.30 23.93 -12.89
CE MSE B 235 7.01 23.25 -11.26
N GLY B 236 1.28 23.99 -12.67
CA GLY B 236 0.11 24.71 -12.20
C GLY B 236 -1.19 24.34 -12.91
N ARG B 237 -1.08 23.75 -14.10
CA ARG B 237 -2.26 23.36 -14.88
C ARG B 237 -2.76 21.95 -14.56
N VAL B 238 -1.94 21.17 -13.86
CA VAL B 238 -2.34 19.82 -13.47
C VAL B 238 -2.96 19.94 -12.08
N ASP B 239 -4.24 19.64 -11.99
CA ASP B 239 -4.96 19.74 -10.71
C ASP B 239 -4.45 18.80 -9.63
N ILE B 240 -4.24 17.55 -10.01
CA ILE B 240 -3.81 16.52 -9.08
C ILE B 240 -2.59 15.76 -9.58
N ILE B 241 -1.57 15.68 -8.73
CA ILE B 241 -0.35 14.96 -9.06
C ILE B 241 -0.08 13.90 -8.01
N THR B 242 0.09 12.66 -8.43
CA THR B 242 0.41 11.59 -7.48
C THR B 242 1.85 11.19 -7.76
N GLY B 243 2.49 10.57 -6.78
CA GLY B 243 3.87 10.17 -6.96
C GLY B 243 4.30 9.13 -5.96
N THR B 244 5.53 8.68 -6.10
CA THR B 244 6.08 7.65 -5.23
C THR B 244 7.40 8.10 -4.62
N LEU B 245 7.76 7.47 -3.51
CA LEU B 245 9.02 7.74 -2.83
C LEU B 245 9.85 6.48 -3.05
N GLY B 246 9.27 5.51 -3.76
CA GLY B 246 9.95 4.25 -4.02
C GLY B 246 10.75 4.16 -5.31
N LYS B 247 10.83 5.25 -6.06
CA LYS B 247 11.60 5.24 -7.30
C LYS B 247 12.86 6.08 -7.15
N ALA B 248 12.91 7.21 -7.84
CA ALA B 248 14.09 8.09 -7.78
C ALA B 248 14.32 8.71 -6.40
N LEU B 249 13.23 8.92 -5.65
CA LEU B 249 13.33 9.55 -4.34
C LEU B 249 13.70 8.66 -3.16
N GLY B 250 14.68 7.77 -3.35
CA GLY B 250 15.09 6.90 -2.25
C GLY B 250 14.88 5.42 -2.52
N GLY B 251 13.70 5.08 -3.04
CA GLY B 251 13.40 3.69 -3.36
C GLY B 251 12.94 2.77 -2.25
N ALA B 252 12.65 3.31 -1.07
CA ALA B 252 12.22 2.48 0.06
C ALA B 252 10.74 2.12 -0.02
N SER B 253 9.89 3.13 0.16
CA SER B 253 8.44 2.93 0.09
C SER B 253 7.74 4.27 0.31
N GLY B 254 6.43 4.28 0.12
CA GLY B 254 5.68 5.51 0.32
C GLY B 254 5.20 6.14 -0.97
N GLY B 255 4.10 6.90 -0.86
CA GLY B 255 3.53 7.56 -2.01
C GLY B 255 2.83 8.82 -1.55
N TYR B 256 2.20 9.53 -2.47
CA TYR B 256 1.52 10.77 -2.10
C TYR B 256 0.63 11.30 -3.21
N THR B 257 -0.23 12.23 -2.84
CA THR B 257 -1.12 12.93 -3.76
C THR B 257 -0.95 14.40 -3.39
N ALA B 258 -0.65 15.23 -4.38
CA ALA B 258 -0.49 16.67 -4.15
C ALA B 258 -1.59 17.36 -4.94
N ALA B 259 -2.20 18.38 -4.35
CA ALA B 259 -3.27 19.11 -5.01
C ALA B 259 -3.62 20.34 -4.18
N ARG B 260 -4.73 20.99 -4.53
CA ARG B 260 -5.16 22.16 -3.78
C ARG B 260 -5.50 21.73 -2.36
N LYS B 261 -5.38 22.66 -1.43
CA LYS B 261 -5.66 22.42 -0.02
C LYS B 261 -6.98 21.69 0.27
N GLU B 262 -8.08 22.12 -0.34
CA GLU B 262 -9.37 21.49 -0.10
C GLU B 262 -9.47 20.07 -0.65
N VAL B 263 -8.72 19.79 -1.72
CA VAL B 263 -8.74 18.44 -2.29
C VAL B 263 -8.02 17.52 -1.31
N VAL B 264 -6.85 17.96 -0.87
CA VAL B 264 -6.03 17.19 0.06
C VAL B 264 -6.73 16.95 1.40
N GLU B 265 -7.37 17.98 1.95
CA GLU B 265 -8.07 17.81 3.22
C GLU B 265 -9.25 16.85 3.05
N TRP B 266 -9.94 16.90 1.91
CA TRP B 266 -11.07 15.99 1.71
C TRP B 266 -10.54 14.56 1.66
N LEU B 267 -9.37 14.38 1.04
CA LEU B 267 -8.75 13.05 0.96
C LEU B 267 -8.42 12.55 2.36
N ARG B 268 -7.93 13.44 3.23
CA ARG B 268 -7.63 13.03 4.59
C ARG B 268 -8.90 12.58 5.29
N GLN B 269 -10.00 13.26 5.00
CA GLN B 269 -11.28 12.95 5.62
C GLN B 269 -11.99 11.72 5.07
N ARG B 270 -11.79 11.41 3.80
CA ARG B 270 -12.50 10.28 3.21
C ARG B 270 -11.73 9.23 2.39
N SER B 271 -10.46 9.46 2.08
CA SER B 271 -9.71 8.47 1.29
C SER B 271 -9.52 7.18 2.11
N ARG B 272 -10.07 6.08 1.62
CA ARG B 272 -10.01 4.81 2.32
C ARG B 272 -8.62 4.27 2.72
N PRO B 273 -7.64 4.33 1.82
CA PRO B 273 -6.34 3.81 2.24
C PRO B 273 -5.71 4.66 3.35
N TYR B 274 -6.07 5.94 3.38
CA TYR B 274 -5.55 6.87 4.39
C TYR B 274 -6.21 6.64 5.73
N LEU B 275 -7.51 6.36 5.71
CA LEU B 275 -8.28 6.13 6.91
C LEU B 275 -8.08 4.74 7.50
N PHE B 276 -7.86 3.75 6.63
CA PHE B 276 -7.77 2.37 7.08
C PHE B 276 -6.47 1.62 6.83
N SER B 277 -5.36 2.35 6.73
CA SER B 277 -4.07 1.71 6.54
C SER B 277 -3.00 2.52 7.27
N ASN B 278 -1.99 1.81 7.77
CA ASN B 278 -0.90 2.41 8.53
C ASN B 278 -0.26 3.67 7.97
N SER B 279 0.12 4.57 8.88
CA SER B 279 0.78 5.83 8.52
C SER B 279 2.21 5.46 8.10
N LEU B 280 2.85 6.30 7.28
CA LEU B 280 4.21 6.06 6.80
C LEU B 280 5.21 5.96 7.96
N ALA B 281 6.14 5.03 7.86
CA ALA B 281 7.14 4.82 8.91
C ALA B 281 8.11 5.98 9.07
N PRO B 282 8.46 6.32 10.32
CA PRO B 282 9.39 7.41 10.66
C PRO B 282 10.70 7.42 9.87
N ALA B 283 11.32 6.26 9.70
CA ALA B 283 12.58 6.17 8.98
C ALA B 283 12.46 6.69 7.56
N ILE B 284 11.36 6.31 6.90
CA ILE B 284 11.10 6.70 5.53
C ILE B 284 10.72 8.17 5.43
N VAL B 285 9.97 8.66 6.43
CA VAL B 285 9.58 10.06 6.45
C VAL B 285 10.83 10.93 6.56
N ALA B 286 11.71 10.55 7.48
CA ALA B 286 12.95 11.28 7.71
C ALA B 286 13.85 11.29 6.47
N ALA B 287 14.08 10.11 5.90
CA ALA B 287 14.91 10.00 4.70
C ALA B 287 14.33 10.77 3.52
N SER B 288 13.00 10.79 3.42
CA SER B 288 12.32 11.49 2.33
C SER B 288 12.50 13.01 2.42
N ILE B 289 12.56 13.53 3.63
CA ILE B 289 12.76 14.96 3.80
C ILE B 289 14.15 15.28 3.29
N LYS B 290 15.10 14.40 3.60
CA LYS B 290 16.47 14.59 3.17
C LYS B 290 16.64 14.43 1.66
N VAL B 291 15.95 13.45 1.08
CA VAL B 291 16.10 13.22 -0.35
C VAL B 291 15.62 14.38 -1.21
N LEU B 292 14.61 15.11 -0.75
CA LEU B 292 14.12 16.25 -1.53
C LEU B 292 15.21 17.32 -1.59
N GLU B 293 15.96 17.47 -0.50
CA GLU B 293 17.05 18.44 -0.45
C GLU B 293 18.16 17.98 -1.40
N MSE B 294 18.38 16.66 -1.45
CA MSE B 294 19.40 16.09 -2.33
C MSE B 294 19.04 16.29 -3.81
O MSE B 294 19.92 16.56 -4.63
CB MSE B 294 19.58 14.59 -2.04
CG MSE B 294 20.17 14.31 -0.66
SE MSE B 294 20.44 12.52 -0.34
CE MSE B 294 21.86 12.23 -1.38
N VAL B 295 17.77 16.16 -4.15
CA VAL B 295 17.32 16.37 -5.52
C VAL B 295 17.49 17.83 -5.91
N GLU B 296 17.25 18.72 -4.95
CA GLU B 296 17.35 20.17 -5.19
C GLU B 296 18.76 20.73 -5.22
N ALA B 297 19.69 20.06 -4.52
CA ALA B 297 21.07 20.51 -4.42
C ALA B 297 21.71 20.92 -5.74
N GLY B 298 21.42 20.19 -6.81
CA GLY B 298 22.00 20.52 -8.11
C GLY B 298 21.57 19.59 -9.23
N SER B 299 22.03 19.88 -10.45
CA SER B 299 21.66 19.05 -11.59
C SER B 299 22.65 17.95 -11.96
N GLU B 300 23.71 17.79 -11.17
CA GLU B 300 24.74 16.81 -11.48
C GLU B 300 24.25 15.38 -11.72
N LEU B 301 23.44 14.84 -10.82
CA LEU B 301 22.94 13.48 -10.99
C LEU B 301 22.03 13.36 -12.20
N ARG B 302 21.16 14.35 -12.39
CA ARG B 302 20.24 14.36 -13.52
C ARG B 302 21.03 14.42 -14.83
N ASP B 303 22.08 15.24 -14.86
CA ASP B 303 22.90 15.36 -16.06
C ASP B 303 23.50 14.01 -16.46
N ARG B 304 24.06 13.32 -15.47
CA ARG B 304 24.66 12.00 -15.72
C ARG B 304 23.62 11.01 -16.22
N LEU B 305 22.45 11.01 -15.59
CA LEU B 305 21.38 10.09 -15.98
C LEU B 305 21.00 10.28 -17.45
N TRP B 306 20.77 11.52 -17.85
CA TRP B 306 20.38 11.82 -19.22
C TRP B 306 21.47 11.54 -20.24
N ALA B 307 22.73 11.67 -19.83
CA ALA B 307 23.83 11.36 -20.72
C ALA B 307 23.86 9.86 -20.91
N ASN B 308 23.63 9.13 -19.81
CA ASN B 308 23.62 7.66 -19.86
C ASN B 308 22.48 7.16 -20.74
N ALA B 309 21.31 7.75 -20.60
CA ALA B 309 20.15 7.37 -21.40
C ALA B 309 20.46 7.61 -22.86
N ARG B 310 21.01 8.78 -23.16
CA ARG B 310 21.35 9.13 -24.53
C ARG B 310 22.31 8.12 -25.13
N GLN B 311 23.34 7.74 -24.37
CA GLN B 311 24.33 6.77 -24.83
C GLN B 311 23.73 5.40 -25.14
N PHE B 312 23.01 4.84 -24.17
CA PHE B 312 22.42 3.51 -24.37
C PHE B 312 21.47 3.48 -25.56
N ARG B 313 20.55 4.44 -25.64
CA ARG B 313 19.60 4.46 -26.75
C ARG B 313 20.31 4.56 -28.10
N GLU B 314 21.27 5.48 -28.21
CA GLU B 314 22.00 5.66 -29.46
C GLU B 314 22.79 4.42 -29.87
N GLN B 315 23.52 3.84 -28.92
CA GLN B 315 24.32 2.64 -29.18
C GLN B 315 23.49 1.39 -29.50
N MSE B 316 22.40 1.20 -28.78
CA MSE B 316 21.54 0.05 -29.00
C MSE B 316 20.80 0.20 -30.33
O MSE B 316 20.58 -0.78 -31.05
CB MSE B 316 20.57 -0.11 -27.84
CG MSE B 316 21.20 -0.64 -26.56
SE MSE B 316 21.79 -2.36 -26.72
CE MSE B 316 20.20 -3.26 -26.60
N SER B 317 20.43 1.43 -30.67
CA SER B 317 19.72 1.68 -31.91
C SER B 317 20.66 1.45 -33.10
N ALA B 318 21.90 1.88 -32.95
CA ALA B 318 22.90 1.72 -34.00
C ALA B 318 23.24 0.23 -34.16
N ALA B 319 23.08 -0.52 -33.08
CA ALA B 319 23.36 -1.96 -33.07
C ALA B 319 22.24 -2.74 -33.76
N GLY B 320 21.15 -2.07 -34.09
CA GLY B 320 20.04 -2.72 -34.78
C GLY B 320 18.82 -3.15 -33.98
N PHE B 321 18.79 -2.87 -32.68
CA PHE B 321 17.66 -3.25 -31.85
C PHE B 321 16.41 -2.41 -32.02
N THR B 322 15.26 -3.02 -31.73
CA THR B 322 13.99 -2.34 -31.81
C THR B 322 13.70 -1.85 -30.39
N LEU B 323 13.61 -0.54 -30.24
CA LEU B 323 13.37 0.05 -28.93
C LEU B 323 12.05 0.82 -28.90
N ALA B 324 11.45 0.90 -27.72
CA ALA B 324 10.19 1.62 -27.53
C ALA B 324 10.47 2.96 -26.87
N GLY B 325 9.51 3.87 -26.95
CA GLY B 325 9.64 5.17 -26.31
C GLY B 325 10.71 6.11 -26.83
N ALA B 326 11.00 7.15 -26.05
CA ALA B 326 12.01 8.15 -26.40
C ALA B 326 12.23 9.15 -25.26
N ASP B 327 13.44 9.70 -25.20
CA ASP B 327 13.85 10.70 -24.22
C ASP B 327 13.71 10.39 -22.73
N HIS B 328 13.74 9.12 -22.34
CA HIS B 328 13.60 8.78 -20.93
C HIS B 328 14.60 7.70 -20.51
N ALA B 329 14.82 7.57 -19.20
CA ALA B 329 15.75 6.59 -18.67
C ALA B 329 15.26 5.16 -18.89
N ILE B 330 13.96 5.01 -19.17
CA ILE B 330 13.39 3.70 -19.43
C ILE B 330 13.58 3.44 -20.93
N ILE B 331 14.32 2.38 -21.25
CA ILE B 331 14.60 2.03 -22.64
C ILE B 331 14.29 0.55 -22.87
N PRO B 332 13.07 0.25 -23.34
CA PRO B 332 12.62 -1.11 -23.61
C PRO B 332 13.15 -1.70 -24.91
N VAL B 333 13.67 -2.92 -24.83
CA VAL B 333 14.18 -3.61 -26.00
C VAL B 333 13.08 -4.61 -26.38
N MSE B 334 12.39 -4.34 -27.49
CA MSE B 334 11.28 -5.19 -27.94
C MSE B 334 11.75 -6.56 -28.45
O MSE B 334 12.64 -6.65 -29.31
CB MSE B 334 10.45 -4.48 -29.00
CG MSE B 334 9.82 -3.15 -28.55
SE MSE B 334 8.69 -3.33 -27.12
CE MSE B 334 7.56 -4.59 -27.77
N LEU B 335 11.14 -7.62 -27.92
CA LEU B 335 11.49 -8.99 -28.30
C LEU B 335 10.27 -9.80 -28.75
N GLY B 336 9.08 -9.36 -28.35
CA GLY B 336 7.85 -10.03 -28.73
C GLY B 336 7.53 -11.34 -28.02
N ASP B 337 8.35 -12.36 -28.29
CA ASP B 337 8.19 -13.69 -27.71
C ASP B 337 8.69 -13.77 -26.27
N ALA B 338 7.82 -14.18 -25.35
CA ALA B 338 8.17 -14.30 -23.93
C ALA B 338 9.33 -15.28 -23.71
N VAL B 339 9.34 -16.38 -24.44
CA VAL B 339 10.39 -17.38 -24.32
C VAL B 339 11.74 -16.76 -24.67
N VAL B 340 11.75 -15.93 -25.71
CA VAL B 340 12.98 -15.27 -26.14
C VAL B 340 13.42 -14.24 -25.10
N ALA B 341 12.45 -13.54 -24.52
CA ALA B 341 12.77 -12.53 -23.51
C ALA B 341 13.42 -13.19 -22.31
N GLN B 342 12.87 -14.32 -21.89
CA GLN B 342 13.40 -15.06 -20.75
C GLN B 342 14.81 -15.55 -21.02
N LYS B 343 15.00 -16.17 -22.18
CA LYS B 343 16.30 -16.68 -22.59
C LYS B 343 17.35 -15.58 -22.70
N PHE B 344 16.98 -14.46 -23.31
CA PHE B 344 17.87 -13.32 -23.49
C PHE B 344 18.35 -12.80 -22.12
N ALA B 345 17.41 -12.67 -21.19
CA ALA B 345 17.73 -12.19 -19.85
C ALA B 345 18.71 -13.12 -19.15
N ARG B 346 18.47 -14.42 -19.23
CA ARG B 346 19.35 -15.39 -18.60
C ARG B 346 20.75 -15.38 -19.21
N GLU B 347 20.81 -15.27 -20.54
CA GLU B 347 22.09 -15.24 -21.23
C GLU B 347 22.87 -13.97 -20.87
N LEU B 348 22.15 -12.88 -20.66
CA LEU B 348 22.80 -11.63 -20.32
C LEU B 348 23.43 -11.70 -18.94
N GLN B 349 22.82 -12.43 -18.01
CA GLN B 349 23.40 -12.52 -16.69
C GLN B 349 24.71 -13.27 -16.73
N LYS B 350 24.82 -14.25 -17.63
CA LYS B 350 26.06 -15.02 -17.77
C LYS B 350 27.17 -14.06 -18.24
N GLU B 351 26.77 -12.98 -18.90
CA GLU B 351 27.71 -11.98 -19.40
C GLU B 351 27.92 -10.87 -18.37
N GLY B 352 27.34 -11.02 -17.19
CA GLY B 352 27.49 -10.03 -16.14
C GLY B 352 26.50 -8.87 -16.18
N ILE B 353 25.44 -9.01 -16.96
CA ILE B 353 24.42 -7.96 -17.06
C ILE B 353 23.11 -8.46 -16.48
N TYR B 354 22.59 -7.74 -15.50
CA TYR B 354 21.34 -8.12 -14.84
C TYR B 354 20.16 -7.30 -15.33
N VAL B 355 19.30 -7.94 -16.10
CA VAL B 355 18.09 -7.33 -16.62
C VAL B 355 17.00 -8.38 -16.47
N THR B 356 15.75 -7.97 -16.62
CA THR B 356 14.64 -8.91 -16.47
C THR B 356 13.72 -8.91 -17.69
N GLY B 357 13.11 -10.06 -17.95
CA GLY B 357 12.21 -10.17 -19.07
C GLY B 357 10.82 -9.72 -18.67
N PHE B 358 10.13 -9.00 -19.56
CA PHE B 358 8.79 -8.52 -19.29
C PHE B 358 7.82 -9.16 -20.27
N PHE B 359 6.75 -9.74 -19.72
CA PHE B 359 5.74 -10.41 -20.52
C PHE B 359 4.41 -10.45 -19.78
N TYR B 360 3.38 -10.97 -20.45
CA TYR B 360 2.04 -11.07 -19.90
C TYR B 360 2.09 -11.52 -18.43
N PRO B 361 1.29 -10.89 -17.57
CA PRO B 361 0.36 -9.80 -17.86
C PRO B 361 0.90 -8.37 -17.72
N VAL B 362 2.20 -8.21 -17.46
CA VAL B 362 2.73 -6.87 -17.30
C VAL B 362 2.70 -6.09 -18.63
N VAL B 363 2.74 -6.82 -19.75
CA VAL B 363 2.64 -6.25 -21.09
C VAL B 363 1.82 -7.28 -21.88
N PRO B 364 1.15 -6.86 -22.98
CA PRO B 364 0.35 -7.78 -23.78
C PRO B 364 1.11 -8.98 -24.32
N LYS B 365 0.39 -10.08 -24.58
CA LYS B 365 1.03 -11.27 -25.15
C LYS B 365 1.51 -10.88 -26.53
N GLY B 366 2.70 -11.35 -26.90
CA GLY B 366 3.28 -11.03 -28.19
C GLY B 366 4.04 -9.72 -28.15
N GLN B 367 4.09 -9.08 -26.99
CA GLN B 367 4.78 -7.81 -26.84
C GLN B 367 5.83 -7.81 -25.74
N ALA B 368 6.44 -8.97 -25.53
CA ALA B 368 7.47 -9.15 -24.51
C ALA B 368 8.65 -8.22 -24.82
N ARG B 369 9.40 -7.87 -23.78
CA ARG B 369 10.53 -6.99 -23.93
C ARG B 369 11.41 -7.07 -22.70
N ILE B 370 12.58 -6.45 -22.80
CA ILE B 370 13.48 -6.37 -21.67
C ILE B 370 13.55 -4.87 -21.41
N ARG B 371 12.89 -4.42 -20.35
CA ARG B 371 12.88 -2.99 -20.04
C ARG B 371 14.12 -2.62 -19.27
N THR B 372 15.03 -1.88 -19.93
CA THR B 372 16.23 -1.44 -19.24
C THR B 372 15.91 -0.09 -18.63
N GLN B 373 16.68 0.25 -17.60
CA GLN B 373 16.48 1.52 -16.91
C GLN B 373 17.85 2.05 -16.58
N MSE B 374 18.17 3.23 -17.10
CA MSE B 374 19.47 3.82 -16.80
C MSE B 374 19.41 4.48 -15.43
O MSE B 374 18.34 4.80 -14.91
CB MSE B 374 19.85 4.83 -17.89
CG MSE B 374 20.03 4.23 -19.30
SE MSE B 374 21.24 2.86 -19.39
CE MSE B 374 20.14 1.44 -19.45
N SER B 375 20.60 4.66 -14.85
CA SER B 375 20.71 5.27 -13.54
C SER B 375 21.88 6.25 -13.54
N ALA B 376 21.79 7.27 -12.71
CA ALA B 376 22.86 8.26 -12.61
C ALA B 376 24.14 7.57 -12.14
N ALA B 377 23.98 6.42 -11.49
CA ALA B 377 25.10 5.64 -10.96
C ALA B 377 25.87 4.86 -12.03
N HIS B 378 25.25 4.62 -13.18
CA HIS B 378 25.92 3.88 -14.25
C HIS B 378 27.06 4.71 -14.84
N THR B 379 28.12 4.04 -15.29
CA THR B 379 29.25 4.74 -15.88
C THR B 379 29.21 4.49 -17.39
N PRO B 380 29.85 5.36 -18.19
CA PRO B 380 29.85 5.17 -19.64
C PRO B 380 30.41 3.81 -20.04
N GLU B 381 31.38 3.32 -19.28
CA GLU B 381 32.00 2.02 -19.56
C GLU B 381 31.05 0.87 -19.26
N GLN B 382 30.28 0.97 -18.18
CA GLN B 382 29.33 -0.07 -17.84
C GLN B 382 28.27 -0.16 -18.95
N ILE B 383 27.86 0.99 -19.45
CA ILE B 383 26.87 1.03 -20.51
C ILE B 383 27.44 0.42 -21.79
N THR B 384 28.70 0.71 -22.09
CA THR B 384 29.32 0.16 -23.29
C THR B 384 29.40 -1.36 -23.16
N ARG B 385 29.71 -1.85 -21.97
CA ARG B 385 29.79 -3.29 -21.70
C ARG B 385 28.43 -3.91 -21.96
N ALA B 386 27.39 -3.24 -21.48
CA ALA B 386 26.01 -3.69 -21.62
C ALA B 386 25.64 -3.81 -23.10
N VAL B 387 25.92 -2.76 -23.86
CA VAL B 387 25.62 -2.75 -25.29
C VAL B 387 26.34 -3.88 -26.01
N GLU B 388 27.59 -4.14 -25.62
CA GLU B 388 28.34 -5.20 -26.26
C GLU B 388 27.74 -6.57 -25.95
N ALA B 389 27.27 -6.75 -24.71
CA ALA B 389 26.65 -8.01 -24.30
C ALA B 389 25.32 -8.20 -25.04
N PHE B 390 24.50 -7.17 -25.04
CA PHE B 390 23.21 -7.22 -25.73
C PHE B 390 23.41 -7.58 -27.19
N THR B 391 24.37 -6.93 -27.84
CA THR B 391 24.68 -7.17 -29.25
C THR B 391 25.07 -8.62 -29.52
N ARG B 392 26.02 -9.10 -28.73
CA ARG B 392 26.55 -10.45 -28.82
C ARG B 392 25.43 -11.49 -28.67
N ILE B 393 24.66 -11.37 -27.60
CA ILE B 393 23.56 -12.29 -27.34
C ILE B 393 22.46 -12.13 -28.39
N GLY B 394 22.18 -10.89 -28.75
CA GLY B 394 21.16 -10.62 -29.75
C GLY B 394 21.44 -11.33 -31.06
N LYS B 395 22.71 -11.34 -31.46
CA LYS B 395 23.12 -11.99 -32.70
C LYS B 395 23.00 -13.50 -32.54
N GLN B 396 23.44 -14.00 -31.39
CA GLN B 396 23.37 -15.43 -31.11
C GLN B 396 21.94 -15.95 -31.13
N LEU B 397 21.00 -15.12 -30.67
CA LEU B 397 19.59 -15.50 -30.61
C LEU B 397 18.83 -15.16 -31.89
N GLY B 398 19.44 -14.39 -32.76
CA GLY B 398 18.79 -14.03 -34.01
C GLY B 398 17.83 -12.85 -33.87
N VAL B 399 17.92 -12.14 -32.76
CA VAL B 399 17.07 -10.98 -32.53
C VAL B 399 17.52 -9.85 -33.47
N ILE B 400 18.82 -9.80 -33.74
CA ILE B 400 19.37 -8.79 -34.64
C ILE B 400 20.33 -9.47 -35.60
N ALA B 401 20.63 -8.81 -36.72
CA ALA B 401 21.56 -9.36 -37.71
C ALA B 401 23.01 -9.19 -37.25
C1 AKB C . -8.79 -0.20 11.46
O1 AKB C . -9.71 0.16 12.30
O2 AKB C . -9.05 -0.33 10.21
C2 AKB C . -7.40 -0.41 12.00
C3 AKB C . -6.91 0.88 12.60
C4 AKB C . -5.38 1.07 12.68
O3 AKB C . -7.69 1.81 13.03
N4 AKB C . -6.37 -0.88 11.03
N1 PLP D . -7.28 -5.38 8.31
C2 PLP D . -8.05 -4.79 9.37
C2A PLP D . -9.13 -5.74 9.95
C3 PLP D . -7.84 -3.50 9.82
O3 PLP D . -8.64 -2.99 10.81
C4 PLP D . -6.78 -2.70 9.16
C4A PLP D . -6.53 -1.25 9.63
C5 PLP D . -5.99 -3.33 8.07
C6 PLP D . -6.27 -4.68 7.66
C5A PLP D . -4.87 -2.59 7.36
O4P PLP D . -3.49 -2.94 7.82
P PLP D . -2.35 -2.15 7.12
O1P PLP D . -2.03 -0.87 7.95
O2P PLP D . -2.80 -1.76 5.67
O3P PLP D . -1.08 -3.05 7.05
C1 AKB E . 5.93 -0.14 -13.17
O1 AKB E . 6.35 -0.46 -14.35
O2 AKB E . 4.72 -0.36 -12.81
C2 AKB E . 6.95 0.40 -12.20
C3 AKB E . 8.01 -0.64 -11.98
C4 AKB E . 8.83 -0.52 -10.67
O3 AKB E . 8.25 -1.60 -12.78
N4 AKB E . 6.47 0.85 -10.85
N1 PLP F . 2.71 4.70 -11.01
C2 PLP F . 3.42 4.10 -12.10
C2A PLP F . 3.24 4.84 -13.45
C3 PLP F . 4.17 2.94 -11.96
O3 PLP F . 4.83 2.44 -13.05
C4 PLP F . 4.26 2.32 -10.61
C4A PLP F . 5.09 1.02 -10.42
C5 PLP F . 3.52 2.97 -9.50
C6 PLP F . 2.75 4.16 -9.72
C5A PLP F . 3.57 2.40 -8.09
O4P PLP F . 4.60 3.02 -7.18
P PLP F . 4.63 2.45 -5.73
O1P PLP F . 5.81 1.42 -5.61
O2P PLP F . 3.27 1.73 -5.40
O3P PLP F . 4.87 3.60 -4.71
#